data_2FWW
#
_entry.id   2FWW
#
_cell.length_a   77.92
_cell.length_b   77.92
_cell.length_c   164.03
_cell.angle_alpha   90.0
_cell.angle_beta   90.0
_cell.angle_gamma   120.0
#
_symmetry.space_group_name_H-M   'P 31'
#
loop_
_entity.id
_entity.type
_entity.pdbx_description
1 polymer 'Tryptase beta-2'
2 non-polymer 4-PIPERIDINEBUTYRATE
3 water water
#
_entity_poly.entity_id   1
_entity_poly.type   'polypeptide(L)'
_entity_poly.pdbx_seq_one_letter_code
;IVGGQEAPRSKWPWQVSLRVHGPYWMHFCGGSLIHPQWVLTAAHCVGPDVKDLAALRVQLREQHLYYQDQLLPVSRIIVH
PQFYTAQIGADIALLELEEPVKVSSHVHTVTLPPASETFPPGMPCWVTGWGDVDNDERLPPPFPLKQVKVPIMENHICDA
KYHLGAYTGDDVRIVRDDMLCAGNTRRDSCQGDSGGPLVCKVNGTWLQAGVVSWGEGCAQPNRPGIYTRVTYYLDWIHHY
VPKKP
;
_entity_poly.pdbx_strand_id   A,B,C,D
#
loop_
_chem_comp.id
_chem_comp.type
_chem_comp.name
_chem_comp.formula
C1R non-polymer 4-PIPERIDINEBUTYRATE 'C9 H17 N O'
#
# COMPACT_ATOMS: atom_id res chain seq x y z
N ILE A 1 -19.67 5.02 -8.55
CA ILE A 1 -21.08 5.35 -8.20
C ILE A 1 -21.46 4.91 -6.77
N VAL A 2 -21.85 5.86 -5.94
CA VAL A 2 -22.23 5.54 -4.56
C VAL A 2 -23.74 5.51 -4.38
N GLY A 3 -24.22 4.50 -3.65
CA GLY A 3 -25.64 4.34 -3.42
C GLY A 3 -26.44 3.99 -4.66
N GLY A 4 -25.76 3.44 -5.67
CA GLY A 4 -26.43 3.09 -6.91
C GLY A 4 -26.72 1.62 -7.13
N GLN A 5 -26.95 1.25 -8.39
CA GLN A 5 -27.26 -0.12 -8.77
C GLN A 5 -26.67 -0.45 -10.14
N GLU A 6 -26.44 -1.73 -10.39
CA GLU A 6 -25.90 -2.15 -11.68
C GLU A 6 -26.89 -1.75 -12.75
N ALA A 7 -26.40 -1.11 -13.81
CA ALA A 7 -27.26 -0.65 -14.89
C ALA A 7 -27.82 -1.77 -15.77
N PRO A 8 -29.10 -1.64 -16.19
CA PRO A 8 -29.66 -2.67 -17.05
C PRO A 8 -28.85 -2.60 -18.33
N ARG A 9 -28.85 -3.65 -19.14
CA ARG A 9 -28.06 -3.65 -20.37
C ARG A 9 -28.55 -2.71 -21.47
N SER A 10 -29.79 -2.24 -21.37
CA SER A 10 -30.36 -1.36 -22.39
C SER A 10 -30.28 0.13 -22.05
N LYS A 11 -29.84 0.45 -20.84
CA LYS A 11 -29.72 1.85 -20.45
C LYS A 11 -28.30 2.38 -20.61
N TRP A 12 -28.19 3.68 -20.85
CA TRP A 12 -26.91 4.33 -20.99
C TRP A 12 -26.07 3.82 -22.18
N PRO A 13 -26.60 3.94 -23.41
CA PRO A 13 -25.89 3.48 -24.62
C PRO A 13 -24.67 4.34 -24.98
N TRP A 14 -24.59 5.54 -24.42
CA TRP A 14 -23.51 6.49 -24.69
C TRP A 14 -22.31 6.41 -23.74
N GLN A 15 -22.51 5.78 -22.59
CA GLN A 15 -21.43 5.65 -21.61
C GLN A 15 -20.19 5.01 -22.26
N VAL A 16 -19.03 5.65 -22.08
CA VAL A 16 -17.77 5.13 -22.61
C VAL A 16 -16.72 5.13 -21.50
N SER A 17 -15.72 4.27 -21.65
CA SER A 17 -14.64 4.14 -20.68
C SER A 17 -13.32 4.57 -21.31
N LEU A 18 -12.52 5.33 -20.56
CA LEU A 18 -11.22 5.77 -21.06
C LEU A 18 -10.14 4.84 -20.51
N ARG A 19 -9.27 4.37 -21.39
CA ARG A 19 -8.21 3.43 -21.01
C ARG A 19 -6.81 4.01 -21.19
N VAL A 20 -5.98 3.80 -20.17
CA VAL A 20 -4.60 4.25 -20.20
C VAL A 20 -3.76 3.00 -20.31
N HIS A 21 -2.66 3.09 -21.06
CA HIS A 21 -1.79 1.96 -21.28
C HIS A 21 -0.81 1.60 -20.17
N GLY A 22 -0.64 0.30 -19.95
CA GLY A 22 0.25 -0.23 -18.93
C GLY A 22 0.14 -1.74 -18.94
N PRO A 23 0.24 -2.42 -17.78
CA PRO A 23 0.13 -3.89 -17.75
C PRO A 23 -1.10 -4.36 -18.52
N TYR A 24 -2.09 -3.47 -18.64
CA TYR A 24 -3.31 -3.72 -19.39
C TYR A 24 -3.97 -2.36 -19.58
N TRP A 25 -4.91 -2.24 -20.51
CA TRP A 25 -5.59 -0.98 -20.74
C TRP A 25 -6.54 -0.70 -19.61
N MET A 26 -6.04 0.02 -18.61
CA MET A 26 -6.82 0.31 -17.43
C MET A 26 -7.72 1.53 -17.51
N HIS A 27 -8.92 1.36 -16.96
CA HIS A 27 -9.92 2.41 -16.90
C HIS A 27 -9.40 3.50 -15.94
N PHE A 28 -9.63 4.76 -16.28
CA PHE A 28 -9.20 5.87 -15.41
C PHE A 28 -10.20 7.02 -15.39
N CYS A 29 -11.15 6.97 -16.30
CA CYS A 29 -12.19 7.99 -16.39
C CYS A 29 -13.29 7.54 -17.33
N GLY A 30 -14.47 8.12 -17.17
CA GLY A 30 -15.58 7.80 -18.03
C GLY A 30 -15.70 8.91 -19.06
N GLY A 31 -16.75 8.83 -19.86
CA GLY A 31 -17.00 9.82 -20.90
C GLY A 31 -18.35 9.53 -21.51
N SER A 32 -18.75 10.32 -22.51
CA SER A 32 -20.03 10.09 -23.19
C SER A 32 -19.89 10.26 -24.70
N LEU A 33 -20.60 9.41 -25.46
CA LEU A 33 -20.55 9.50 -26.91
C LEU A 33 -21.61 10.52 -27.32
N ILE A 34 -21.17 11.70 -27.76
CA ILE A 34 -22.09 12.76 -28.15
C ILE A 34 -22.23 12.89 -29.65
N HIS A 35 -21.44 12.13 -30.38
CA HIS A 35 -21.47 12.16 -31.83
C HIS A 35 -20.79 10.86 -32.26
N PRO A 36 -21.13 10.35 -33.45
CA PRO A 36 -20.52 9.11 -33.93
C PRO A 36 -19.01 9.08 -33.83
N GLN A 37 -18.38 10.25 -33.86
CA GLN A 37 -16.93 10.30 -33.78
C GLN A 37 -16.40 11.15 -32.63
N TRP A 38 -17.29 11.54 -31.72
CA TRP A 38 -16.83 12.36 -30.60
C TRP A 38 -17.24 11.93 -29.19
N VAL A 39 -16.24 11.94 -28.32
CA VAL A 39 -16.44 11.58 -26.93
C VAL A 39 -16.26 12.84 -26.06
N LEU A 40 -17.23 13.08 -25.18
CA LEU A 40 -17.19 14.21 -24.26
C LEU A 40 -16.67 13.71 -22.91
N THR A 41 -15.78 14.45 -22.28
CA THR A 41 -15.24 14.03 -20.99
C THR A 41 -14.60 15.23 -20.26
N ALA A 42 -14.17 15.01 -19.03
CA ALA A 42 -13.57 16.09 -18.23
C ALA A 42 -12.10 16.38 -18.57
N ALA A 43 -11.78 17.66 -18.68
CA ALA A 43 -10.40 18.06 -19.00
C ALA A 43 -9.40 17.45 -18.04
N HIS A 44 -9.70 17.48 -16.75
CA HIS A 44 -8.75 16.96 -15.76
C HIS A 44 -8.41 15.48 -15.95
N CYS A 45 -9.23 14.76 -16.72
CA CYS A 45 -8.97 13.34 -16.99
C CYS A 45 -7.80 13.22 -17.96
N VAL A 46 -7.62 14.23 -18.81
CA VAL A 46 -6.56 14.22 -19.81
C VAL A 46 -5.71 15.48 -19.88
N GLY A 47 -5.71 16.26 -18.79
CA GLY A 47 -4.93 17.47 -18.75
C GLY A 47 -4.61 17.84 -17.32
N PRO A 48 -4.06 19.03 -17.07
CA PRO A 48 -3.73 20.06 -18.07
C PRO A 48 -2.49 19.77 -18.90
N ASP A 49 -1.67 18.81 -18.48
CA ASP A 49 -0.46 18.50 -19.24
C ASP A 49 -0.75 17.67 -20.48
N VAL A 50 0.07 17.85 -21.50
CA VAL A 50 -0.10 17.13 -22.77
C VAL A 50 0.24 15.65 -22.68
N LYS A 51 -0.72 14.83 -23.07
CA LYS A 51 -0.56 13.37 -23.03
C LYS A 51 -0.27 12.81 -24.42
N ASP A 52 0.13 11.54 -24.46
CA ASP A 52 0.43 10.89 -25.73
C ASP A 52 -0.81 10.13 -26.22
N LEU A 53 -1.22 10.39 -27.46
CA LEU A 53 -2.38 9.71 -28.03
C LEU A 53 -2.21 8.20 -28.01
N ALA A 54 -1.00 7.75 -28.36
CA ALA A 54 -0.70 6.32 -28.42
C ALA A 54 -1.11 5.58 -27.16
N ALA A 55 -0.99 6.24 -26.02
CA ALA A 55 -1.32 5.62 -24.75
C ALA A 55 -2.79 5.68 -24.35
N LEU A 56 -3.62 6.22 -25.24
CA LEU A 56 -5.04 6.34 -24.93
C LEU A 56 -5.94 5.51 -25.83
N ARG A 57 -7.03 5.04 -25.25
CA ARG A 57 -8.01 4.25 -25.98
C ARG A 57 -9.37 4.49 -25.38
N VAL A 58 -10.39 4.28 -26.19
CA VAL A 58 -11.75 4.44 -25.72
C VAL A 58 -12.47 3.11 -25.90
N GLN A 59 -13.36 2.82 -24.97
CA GLN A 59 -14.15 1.60 -24.98
C GLN A 59 -15.60 2.03 -24.85
N LEU A 60 -16.43 1.65 -25.82
CA LEU A 60 -17.84 2.01 -25.78
C LEU A 60 -18.56 1.19 -24.73
N ARG A 61 -19.87 1.40 -24.59
CA ARG A 61 -20.64 0.70 -23.57
C ARG A 61 -20.32 -0.76 -23.37
N GLU A 62 -19.96 -1.09 -22.12
CA GLU A 62 -19.60 -2.43 -21.70
C GLU A 62 -20.39 -2.71 -20.43
N GLN A 63 -21.11 -3.83 -20.37
CA GLN A 63 -21.88 -4.15 -19.17
C GLN A 63 -20.92 -4.33 -18.00
N HIS A 64 -19.86 -5.09 -18.22
CA HIS A 64 -18.84 -5.33 -17.20
C HIS A 64 -17.49 -4.95 -17.79
N LEU A 65 -16.78 -4.04 -17.12
CA LEU A 65 -15.48 -3.58 -17.61
C LEU A 65 -14.47 -4.68 -17.89
N TYR A 66 -13.71 -4.49 -18.97
CA TYR A 66 -12.64 -5.39 -19.38
C TYR A 66 -13.11 -6.71 -19.99
N TYR A 67 -14.40 -7.02 -19.87
CA TYR A 67 -14.90 -8.28 -20.41
C TYR A 67 -14.90 -8.42 -21.93
N GLN A 68 -15.70 -7.61 -22.62
CA GLN A 68 -15.79 -7.71 -24.08
C GLN A 68 -15.02 -6.59 -24.78
N ASP A 69 -13.87 -6.23 -24.24
CA ASP A 69 -13.06 -5.14 -24.79
C ASP A 69 -12.83 -5.09 -26.29
N GLN A 70 -13.12 -3.92 -26.86
CA GLN A 70 -12.90 -3.64 -28.27
C GLN A 70 -12.45 -2.19 -28.27
N LEU A 71 -11.17 -2.01 -27.96
CA LEU A 71 -10.54 -0.69 -27.84
C LEU A 71 -10.42 0.13 -29.10
N LEU A 72 -10.90 1.37 -29.04
CA LEU A 72 -10.86 2.28 -30.18
C LEU A 72 -9.78 3.34 -29.99
N PRO A 73 -8.92 3.53 -30.99
CA PRO A 73 -7.87 4.54 -30.84
C PRO A 73 -8.50 5.94 -30.87
N VAL A 74 -7.76 6.93 -30.41
CA VAL A 74 -8.23 8.30 -30.42
C VAL A 74 -7.38 9.05 -31.44
N SER A 75 -8.01 9.95 -32.18
CA SER A 75 -7.28 10.70 -33.18
C SER A 75 -6.82 12.07 -32.70
N ARG A 76 -7.46 12.61 -31.68
CA ARG A 76 -7.09 13.93 -31.20
C ARG A 76 -7.71 14.28 -29.86
N ILE A 77 -6.89 14.79 -28.94
CA ILE A 77 -7.35 15.21 -27.61
C ILE A 77 -7.51 16.72 -27.65
N ILE A 78 -8.73 17.20 -27.41
CA ILE A 78 -9.03 18.64 -27.41
C ILE A 78 -9.47 19.07 -26.02
N VAL A 79 -8.60 19.79 -25.31
CA VAL A 79 -8.87 20.26 -23.97
C VAL A 79 -9.19 21.75 -23.94
N HIS A 80 -10.27 22.13 -23.27
CA HIS A 80 -10.65 23.54 -23.19
C HIS A 80 -9.44 24.34 -22.68
N PRO A 81 -9.00 25.35 -23.45
CA PRO A 81 -7.84 26.17 -23.08
C PRO A 81 -7.94 27.03 -21.81
N GLN A 82 -9.12 27.19 -21.25
CA GLN A 82 -9.27 27.97 -20.01
C GLN A 82 -9.00 27.02 -18.85
N PHE A 83 -8.87 25.74 -19.16
CA PHE A 83 -8.66 24.75 -18.10
C PHE A 83 -7.26 24.60 -17.50
N TYR A 84 -7.23 24.55 -16.18
CA TYR A 84 -6.00 24.30 -15.47
C TYR A 84 -6.31 23.31 -14.36
N THR A 85 -7.37 23.58 -13.59
CA THR A 85 -7.80 22.65 -12.53
C THR A 85 -9.32 22.66 -12.47
N ALA A 86 -9.89 21.59 -11.93
CA ALA A 86 -11.33 21.47 -11.83
C ALA A 86 -12.01 22.51 -10.95
N GLN A 87 -11.29 22.99 -9.93
CA GLN A 87 -11.87 23.99 -9.04
C GLN A 87 -11.95 25.34 -9.71
N ILE A 88 -11.00 25.63 -10.59
CA ILE A 88 -10.97 26.89 -11.30
C ILE A 88 -12.06 26.89 -12.38
N GLY A 89 -12.25 25.75 -13.04
CA GLY A 89 -13.30 25.69 -14.05
C GLY A 89 -12.95 25.17 -15.42
N ALA A 90 -13.92 25.25 -16.33
CA ALA A 90 -13.74 24.78 -17.71
C ALA A 90 -13.17 23.35 -17.73
N ASP A 91 -13.74 22.46 -16.92
CA ASP A 91 -13.28 21.09 -16.84
C ASP A 91 -14.03 20.30 -17.90
N ILE A 92 -13.57 20.45 -19.13
CA ILE A 92 -14.20 19.79 -20.26
C ILE A 92 -13.21 19.53 -21.37
N ALA A 93 -13.37 18.39 -22.02
CA ALA A 93 -12.48 18.01 -23.10
C ALA A 93 -13.24 17.20 -24.14
N LEU A 94 -12.67 17.13 -25.34
CA LEU A 94 -13.28 16.38 -26.41
C LEU A 94 -12.29 15.37 -26.94
N LEU A 95 -12.77 14.14 -27.13
CA LEU A 95 -11.96 13.07 -27.68
C LEU A 95 -12.49 12.75 -29.08
N GLU A 96 -11.62 12.81 -30.07
CA GLU A 96 -12.04 12.52 -31.43
C GLU A 96 -11.54 11.13 -31.84
N LEU A 97 -12.49 10.23 -32.11
CA LEU A 97 -12.15 8.86 -32.49
C LEU A 97 -11.57 8.84 -33.89
N GLU A 98 -10.72 7.86 -34.17
CA GLU A 98 -10.12 7.77 -35.49
C GLU A 98 -11.16 7.37 -36.51
N GLU A 99 -12.24 6.78 -36.03
CA GLU A 99 -13.28 6.30 -36.90
C GLU A 99 -14.64 6.59 -36.28
N PRO A 100 -15.64 6.86 -37.11
CA PRO A 100 -16.97 7.13 -36.55
C PRO A 100 -17.50 5.79 -36.09
N VAL A 101 -18.31 5.79 -35.05
CA VAL A 101 -18.85 4.55 -34.53
C VAL A 101 -20.13 4.20 -35.26
N LYS A 102 -20.30 2.91 -35.55
CA LYS A 102 -21.51 2.44 -36.20
C LYS A 102 -22.56 2.23 -35.11
N VAL A 103 -23.37 3.25 -34.89
CA VAL A 103 -24.40 3.22 -33.85
C VAL A 103 -25.48 2.17 -34.02
N SER A 104 -26.09 1.81 -32.89
CA SER A 104 -27.18 0.83 -32.83
C SER A 104 -28.08 1.26 -31.67
N SER A 105 -29.13 0.51 -31.39
CA SER A 105 -29.99 0.89 -30.29
C SER A 105 -29.30 0.54 -28.98
N HIS A 106 -28.26 -0.29 -29.06
CA HIS A 106 -27.53 -0.69 -27.87
C HIS A 106 -26.32 0.21 -27.58
N VAL A 107 -25.85 0.89 -28.62
CA VAL A 107 -24.71 1.78 -28.48
C VAL A 107 -24.91 2.97 -29.40
N HIS A 108 -25.20 4.13 -28.81
CA HIS A 108 -25.39 5.34 -29.61
C HIS A 108 -25.25 6.63 -28.80
N THR A 109 -25.07 7.72 -29.54
CA THR A 109 -24.87 9.05 -28.98
C THR A 109 -25.95 9.54 -28.02
N VAL A 110 -25.56 10.43 -27.12
CA VAL A 110 -26.49 11.03 -26.17
C VAL A 110 -26.82 12.39 -26.78
N THR A 111 -27.86 13.04 -26.29
CA THR A 111 -28.23 14.33 -26.83
C THR A 111 -27.80 15.49 -25.93
N LEU A 112 -27.21 16.51 -26.53
CA LEU A 112 -26.78 17.69 -25.79
C LEU A 112 -28.00 18.59 -25.58
N PRO A 113 -28.04 19.31 -24.46
CA PRO A 113 -29.21 20.17 -24.22
C PRO A 113 -29.03 21.47 -24.98
N PRO A 114 -30.12 22.04 -25.48
CA PRO A 114 -29.95 23.30 -26.20
C PRO A 114 -29.50 24.39 -25.21
N ALA A 115 -28.83 25.41 -25.74
CA ALA A 115 -28.31 26.53 -24.94
C ALA A 115 -29.32 27.11 -23.97
N SER A 116 -30.59 26.81 -24.17
CA SER A 116 -31.64 27.35 -23.31
C SER A 116 -32.13 26.43 -22.19
N GLU A 117 -31.84 25.13 -22.30
CA GLU A 117 -32.29 24.18 -21.28
C GLU A 117 -31.78 24.63 -19.93
N THR A 118 -32.58 24.40 -18.89
CA THR A 118 -32.21 24.84 -17.56
C THR A 118 -31.99 23.74 -16.51
N PHE A 119 -32.79 22.68 -16.58
CA PHE A 119 -32.68 21.60 -15.60
C PHE A 119 -32.91 22.23 -14.24
N PRO A 120 -34.18 22.41 -13.86
CA PRO A 120 -34.47 23.00 -12.56
C PRO A 120 -34.16 22.09 -11.39
N PRO A 121 -33.88 22.66 -10.22
CA PRO A 121 -33.56 21.91 -9.00
C PRO A 121 -34.67 20.93 -8.62
N GLY A 122 -34.30 19.67 -8.41
CA GLY A 122 -35.27 18.65 -8.07
C GLY A 122 -35.64 17.91 -9.34
N MET A 123 -34.75 18.00 -10.33
CA MET A 123 -34.94 17.35 -11.61
C MET A 123 -34.45 15.91 -11.53
N PRO A 124 -35.21 14.98 -12.13
CA PRO A 124 -34.85 13.55 -12.12
C PRO A 124 -33.65 13.32 -13.03
N CYS A 125 -32.47 13.15 -12.45
CA CYS A 125 -31.29 12.91 -13.26
C CYS A 125 -30.49 11.71 -12.80
N TRP A 126 -29.66 11.18 -13.69
CA TRP A 126 -28.86 10.01 -13.38
C TRP A 126 -27.41 10.19 -13.79
N VAL A 127 -26.51 9.65 -12.97
CA VAL A 127 -25.09 9.68 -13.29
C VAL A 127 -24.69 8.19 -13.34
N THR A 128 -23.82 7.83 -14.26
CA THR A 128 -23.40 6.45 -14.39
C THR A 128 -21.90 6.30 -14.49
N GLY A 129 -21.42 5.08 -14.31
CA GLY A 129 -19.98 4.85 -14.41
C GLY A 129 -19.47 3.62 -13.68
N TRP A 130 -18.15 3.43 -13.73
CA TRP A 130 -17.46 2.31 -13.11
C TRP A 130 -16.52 2.75 -12.00
N GLY A 131 -16.80 3.89 -11.39
CA GLY A 131 -15.96 4.38 -10.32
C GLY A 131 -16.23 3.70 -8.99
N ASP A 132 -15.50 4.11 -7.96
CA ASP A 132 -15.65 3.54 -6.62
C ASP A 132 -17.09 3.50 -6.14
N VAL A 133 -17.43 2.46 -5.38
CA VAL A 133 -18.78 2.32 -4.86
C VAL A 133 -18.92 3.09 -3.55
N ASP A 134 -17.79 3.61 -3.08
CA ASP A 134 -17.76 4.37 -1.84
C ASP A 134 -16.39 5.01 -1.67
N ASN A 135 -16.21 5.77 -0.61
CA ASN A 135 -14.93 6.43 -0.38
C ASN A 135 -13.80 5.44 -0.23
N ASP A 136 -12.88 5.46 -1.19
CA ASP A 136 -11.74 4.56 -1.21
C ASP A 136 -12.20 3.09 -1.21
N GLU A 137 -13.25 2.82 -1.97
CA GLU A 137 -13.82 1.49 -2.06
C GLU A 137 -14.03 1.16 -3.54
N ARG A 138 -13.09 0.41 -4.11
CA ARG A 138 -13.14 0.04 -5.52
C ARG A 138 -14.39 -0.73 -5.94
N LEU A 139 -14.73 -0.61 -7.22
CA LEU A 139 -15.87 -1.34 -7.75
C LEU A 139 -15.33 -2.75 -7.86
N PRO A 140 -15.90 -3.70 -7.11
CA PRO A 140 -15.38 -5.05 -7.22
C PRO A 140 -15.67 -5.69 -8.57
N PRO A 141 -14.84 -6.66 -8.99
CA PRO A 141 -15.10 -7.29 -10.28
C PRO A 141 -16.43 -8.05 -10.13
N PRO A 142 -17.09 -8.41 -11.25
CA PRO A 142 -16.72 -8.19 -12.65
C PRO A 142 -16.82 -6.76 -13.17
N PHE A 143 -16.88 -5.78 -12.27
CA PHE A 143 -16.94 -4.37 -12.67
C PHE A 143 -18.19 -3.99 -13.47
N PRO A 144 -19.36 -4.05 -12.85
CA PRO A 144 -20.57 -3.68 -13.60
C PRO A 144 -20.75 -2.18 -13.67
N LEU A 145 -21.23 -1.68 -14.81
CA LEU A 145 -21.49 -0.26 -14.96
C LEU A 145 -22.60 0.08 -13.97
N LYS A 146 -22.40 1.08 -13.11
CA LYS A 146 -23.43 1.43 -12.15
C LYS A 146 -24.20 2.70 -12.52
N GLN A 147 -25.33 2.91 -11.85
CA GLN A 147 -26.19 4.06 -12.09
C GLN A 147 -26.83 4.45 -10.77
N VAL A 148 -27.14 5.74 -10.61
CA VAL A 148 -27.79 6.24 -9.42
C VAL A 148 -28.58 7.50 -9.76
N LYS A 149 -29.78 7.62 -9.20
CA LYS A 149 -30.61 8.80 -9.44
C LYS A 149 -30.16 9.90 -8.49
N VAL A 150 -29.67 11.01 -9.03
CA VAL A 150 -29.22 12.12 -8.19
C VAL A 150 -30.09 13.36 -8.38
N PRO A 151 -30.36 14.08 -7.29
CA PRO A 151 -31.19 15.27 -7.49
C PRO A 151 -30.37 16.53 -7.76
N ILE A 152 -30.68 17.22 -8.86
CA ILE A 152 -29.99 18.45 -9.22
C ILE A 152 -30.24 19.48 -8.12
N MET A 153 -29.35 20.45 -7.99
CA MET A 153 -29.52 21.47 -6.97
C MET A 153 -28.97 22.81 -7.43
N GLU A 154 -29.71 23.88 -7.13
CA GLU A 154 -29.31 25.23 -7.53
C GLU A 154 -27.86 25.55 -7.18
N ASN A 155 -27.17 26.19 -8.11
CA ASN A 155 -25.78 26.55 -7.91
C ASN A 155 -25.49 27.28 -6.61
N HIS A 156 -26.29 28.28 -6.29
CA HIS A 156 -26.08 29.05 -5.07
C HIS A 156 -26.25 28.17 -3.83
N ILE A 157 -27.10 27.15 -3.90
CA ILE A 157 -27.29 26.26 -2.77
C ILE A 157 -26.06 25.38 -2.54
N CYS A 158 -25.46 24.88 -3.61
CA CYS A 158 -24.28 24.05 -3.45
C CYS A 158 -23.14 24.88 -2.95
N ASP A 159 -23.01 26.07 -3.51
CA ASP A 159 -21.96 27.00 -3.14
C ASP A 159 -22.14 27.29 -1.66
N ALA A 160 -23.39 27.46 -1.26
CA ALA A 160 -23.67 27.74 0.14
C ALA A 160 -23.21 26.56 0.99
N LYS A 161 -23.60 25.36 0.57
CA LYS A 161 -23.23 24.16 1.32
C LYS A 161 -21.73 24.02 1.44
N TYR A 162 -21.01 24.17 0.33
CA TYR A 162 -19.56 24.06 0.40
C TYR A 162 -18.93 25.03 1.40
N HIS A 163 -19.62 26.12 1.73
CA HIS A 163 -19.10 27.09 2.69
C HIS A 163 -19.36 26.68 4.14
N LEU A 164 -20.27 25.72 4.33
CA LEU A 164 -20.58 25.25 5.68
C LEU A 164 -19.45 24.31 6.13
N GLY A 165 -18.81 24.66 7.24
CA GLY A 165 -17.73 23.85 7.75
C GLY A 165 -16.41 24.18 7.07
N ALA A 166 -16.36 25.33 6.41
CA ALA A 166 -15.15 25.75 5.72
C ALA A 166 -14.77 27.19 6.09
N TYR A 167 -13.51 27.55 5.85
CA TYR A 167 -13.00 28.88 6.17
C TYR A 167 -13.24 29.90 5.05
N THR A 168 -13.48 29.41 3.84
CA THR A 168 -13.71 30.30 2.71
C THR A 168 -14.81 31.29 3.00
N GLY A 169 -14.54 32.57 2.81
CA GLY A 169 -15.56 33.58 3.05
C GLY A 169 -16.79 33.32 2.21
N ASP A 170 -17.96 33.61 2.76
CA ASP A 170 -19.25 33.39 2.09
C ASP A 170 -19.37 34.04 0.70
N ASP A 171 -18.79 35.23 0.52
CA ASP A 171 -18.87 35.91 -0.78
C ASP A 171 -17.90 35.34 -1.82
N VAL A 172 -17.01 34.45 -1.39
CA VAL A 172 -16.05 33.88 -2.33
C VAL A 172 -16.65 32.65 -2.98
N ARG A 173 -16.72 32.65 -4.30
CA ARG A 173 -17.28 31.53 -5.04
C ARG A 173 -16.44 30.27 -4.98
N ILE A 174 -17.11 29.13 -4.83
CA ILE A 174 -16.45 27.83 -4.81
C ILE A 174 -17.08 27.05 -5.94
N VAL A 175 -18.42 27.03 -5.97
CA VAL A 175 -19.15 26.37 -7.03
C VAL A 175 -19.41 27.51 -8.01
N ARG A 176 -18.65 27.54 -9.10
CA ARG A 176 -18.77 28.60 -10.07
C ARG A 176 -19.89 28.44 -11.08
N ASP A 177 -20.22 29.53 -11.77
CA ASP A 177 -21.29 29.54 -12.76
C ASP A 177 -21.18 28.57 -13.93
N ASP A 178 -20.00 28.04 -14.21
CA ASP A 178 -19.87 27.10 -15.31
C ASP A 178 -19.89 25.68 -14.76
N MET A 179 -20.31 25.57 -13.51
CA MET A 179 -20.43 24.28 -12.84
C MET A 179 -21.90 24.05 -12.51
N LEU A 180 -22.22 22.82 -12.17
CA LEU A 180 -23.57 22.41 -11.83
C LEU A 180 -23.38 21.36 -10.75
N CYS A 181 -24.41 21.06 -9.96
CA CYS A 181 -24.25 20.09 -8.90
C CYS A 181 -25.50 19.26 -8.61
N ALA A 182 -25.27 17.99 -8.26
CA ALA A 182 -26.36 17.08 -7.96
C ALA A 182 -25.89 16.04 -6.94
N GLY A 183 -26.82 15.38 -6.29
CA GLY A 183 -26.45 14.36 -5.32
C GLY A 183 -26.83 14.72 -3.90
N ASN A 184 -26.63 13.77 -2.99
CA ASN A 184 -26.92 13.98 -1.60
C ASN A 184 -26.00 13.10 -0.77
N THR A 185 -26.34 12.90 0.51
CA THR A 185 -25.50 12.09 1.38
C THR A 185 -25.58 10.58 1.15
N ARG A 186 -26.40 10.16 0.18
CA ARG A 186 -26.55 8.74 -0.12
C ARG A 186 -26.18 8.42 -1.56
N ARG A 187 -26.39 9.37 -2.45
CA ARG A 187 -26.10 9.13 -3.86
C ARG A 187 -25.18 10.20 -4.44
N ASP A 188 -24.21 9.76 -5.24
CA ASP A 188 -23.26 10.67 -5.83
C ASP A 188 -22.28 9.87 -6.66
N SER A 189 -21.52 10.56 -7.50
CA SER A 189 -20.51 9.91 -8.33
C SER A 189 -19.27 9.83 -7.45
N CYS A 190 -18.28 9.03 -7.83
CA CYS A 190 -17.08 8.87 -6.99
C CYS A 190 -15.83 8.79 -7.86
N GLN A 191 -14.65 8.66 -7.24
CA GLN A 191 -13.42 8.54 -8.01
C GLN A 191 -13.59 7.40 -9.01
N GLY A 192 -13.28 7.69 -10.27
CA GLY A 192 -13.43 6.69 -11.32
C GLY A 192 -14.59 7.02 -12.25
N ASP A 193 -15.50 7.85 -11.76
CA ASP A 193 -16.66 8.26 -12.52
C ASP A 193 -16.37 9.53 -13.33
N SER A 194 -15.33 10.26 -12.91
CA SER A 194 -14.91 11.49 -13.58
C SER A 194 -15.00 11.45 -15.09
N GLY A 195 -15.43 12.57 -15.67
CA GLY A 195 -15.54 12.66 -17.11
C GLY A 195 -16.79 11.97 -17.59
N GLY A 196 -17.44 11.25 -16.66
CA GLY A 196 -18.67 10.55 -16.96
C GLY A 196 -19.85 11.49 -17.13
N PRO A 197 -20.95 11.02 -17.71
CA PRO A 197 -22.14 11.83 -17.95
C PRO A 197 -23.17 11.97 -16.84
N LEU A 198 -23.85 13.11 -16.84
CA LEU A 198 -24.92 13.40 -15.89
C LEU A 198 -26.05 13.62 -16.88
N VAL A 199 -27.02 12.72 -16.91
CA VAL A 199 -28.12 12.85 -17.85
C VAL A 199 -29.48 12.98 -17.19
N CYS A 200 -30.37 13.75 -17.81
CA CYS A 200 -31.72 13.94 -17.31
C CYS A 200 -32.68 13.75 -18.49
N LYS A 201 -33.81 13.11 -18.24
CA LYS A 201 -34.76 12.91 -19.32
C LYS A 201 -35.76 14.06 -19.28
N VAL A 202 -35.76 14.87 -20.33
CA VAL A 202 -36.65 16.02 -20.41
C VAL A 202 -37.59 15.85 -21.60
N ASN A 203 -38.87 15.68 -21.31
CA ASN A 203 -39.89 15.47 -22.34
C ASN A 203 -39.54 14.24 -23.17
N GLY A 204 -39.40 13.11 -22.48
CA GLY A 204 -39.07 11.87 -23.16
C GLY A 204 -37.79 11.93 -23.97
N THR A 205 -36.79 12.64 -23.45
CA THR A 205 -35.51 12.74 -24.13
C THR A 205 -34.37 13.00 -23.15
N TRP A 206 -33.39 12.10 -23.16
CA TRP A 206 -32.22 12.22 -22.28
C TRP A 206 -31.27 13.28 -22.79
N LEU A 207 -30.96 14.23 -21.90
CA LEU A 207 -30.05 15.30 -22.25
C LEU A 207 -28.92 15.27 -21.24
N GLN A 208 -27.69 15.43 -21.71
CA GLN A 208 -26.56 15.43 -20.77
C GLN A 208 -26.41 16.83 -20.18
N ALA A 209 -26.76 16.96 -18.91
CA ALA A 209 -26.67 18.23 -18.20
C ALA A 209 -25.27 18.54 -17.69
N GLY A 210 -24.49 17.50 -17.40
CA GLY A 210 -23.14 17.73 -16.90
C GLY A 210 -22.13 16.62 -17.09
N VAL A 211 -20.90 16.93 -16.73
CA VAL A 211 -19.78 15.99 -16.80
C VAL A 211 -19.24 15.91 -15.37
N VAL A 212 -19.07 14.71 -14.84
CA VAL A 212 -18.54 14.54 -13.48
C VAL A 212 -17.22 15.27 -13.42
N SER A 213 -17.12 16.25 -12.53
CA SER A 213 -15.89 17.04 -12.42
C SER A 213 -15.10 16.86 -11.14
N TRP A 214 -15.64 17.38 -10.03
CA TRP A 214 -14.93 17.29 -8.78
C TRP A 214 -15.86 17.36 -7.59
N GLY A 215 -15.28 17.23 -6.40
CA GLY A 215 -16.08 17.30 -5.20
C GLY A 215 -15.21 17.15 -3.98
N GLU A 216 -15.81 16.70 -2.89
CA GLU A 216 -15.06 16.52 -1.66
C GLU A 216 -15.60 15.30 -0.92
N GLY A 217 -15.21 14.11 -1.39
CA GLY A 217 -15.68 12.91 -0.75
C GLY A 217 -17.00 12.53 -1.39
N CYS A 218 -17.18 11.24 -1.65
CA CYS A 218 -18.38 10.73 -2.28
C CYS A 218 -19.58 10.68 -1.34
N ALA A 219 -20.62 11.39 -1.73
CA ALA A 219 -21.86 11.47 -0.96
C ALA A 219 -21.63 11.99 0.45
N GLN A 220 -20.85 13.05 0.58
CA GLN A 220 -20.57 13.65 1.88
C GLN A 220 -21.58 14.76 2.15
N PRO A 221 -22.01 14.89 3.41
CA PRO A 221 -22.96 15.92 3.81
C PRO A 221 -22.42 17.30 3.45
N ASN A 222 -23.26 18.12 2.83
CA ASN A 222 -22.88 19.49 2.43
C ASN A 222 -21.76 19.59 1.41
N ARG A 223 -21.44 18.48 0.75
CA ARG A 223 -20.40 18.50 -0.26
C ARG A 223 -20.91 17.72 -1.47
N PRO A 224 -22.03 18.17 -2.07
CA PRO A 224 -22.63 17.52 -3.23
C PRO A 224 -21.74 17.48 -4.45
N GLY A 225 -21.97 16.49 -5.31
CA GLY A 225 -21.17 16.35 -6.51
C GLY A 225 -21.19 17.57 -7.41
N ILE A 226 -20.01 18.02 -7.82
CA ILE A 226 -19.91 19.16 -8.70
C ILE A 226 -19.64 18.65 -10.12
N TYR A 227 -20.42 19.16 -11.06
CA TYR A 227 -20.27 18.74 -12.45
C TYR A 227 -20.02 19.95 -13.34
N THR A 228 -19.36 19.73 -14.47
CA THR A 228 -19.10 20.81 -15.40
C THR A 228 -20.42 20.98 -16.16
N ARG A 229 -21.07 22.13 -16.01
CA ARG A 229 -22.34 22.42 -16.68
C ARG A 229 -22.17 22.44 -18.19
N VAL A 230 -22.81 21.50 -18.88
CA VAL A 230 -22.71 21.40 -20.33
C VAL A 230 -23.22 22.60 -21.12
N THR A 231 -24.41 23.10 -20.78
CA THR A 231 -24.98 24.26 -21.48
C THR A 231 -23.96 25.38 -21.64
N TYR A 232 -23.23 25.64 -20.58
CA TYR A 232 -22.24 26.70 -20.57
C TYR A 232 -21.17 26.59 -21.64
N TYR A 233 -20.89 25.38 -22.11
CA TYR A 233 -19.85 25.20 -23.12
C TYR A 233 -20.32 24.68 -24.47
N LEU A 234 -21.61 24.79 -24.75
CA LEU A 234 -22.11 24.31 -26.06
C LEU A 234 -21.34 24.97 -27.19
N ASP A 235 -21.18 26.29 -27.10
CA ASP A 235 -20.48 27.02 -28.14
C ASP A 235 -19.10 26.45 -28.40
N TRP A 236 -18.37 26.13 -27.33
CA TRP A 236 -17.03 25.58 -27.46
C TRP A 236 -17.06 24.18 -28.07
N ILE A 237 -18.02 23.39 -27.62
CA ILE A 237 -18.20 22.03 -28.09
C ILE A 237 -18.55 22.00 -29.58
N HIS A 238 -19.38 22.92 -30.02
CA HIS A 238 -19.77 22.97 -31.42
C HIS A 238 -18.71 23.56 -32.35
N HIS A 239 -17.64 24.10 -31.78
CA HIS A 239 -16.55 24.65 -32.59
C HIS A 239 -15.88 23.46 -33.29
N TYR A 240 -16.13 22.28 -32.75
CA TYR A 240 -15.54 21.03 -33.25
C TYR A 240 -16.58 19.99 -33.62
N VAL A 241 -17.51 19.73 -32.70
CA VAL A 241 -18.55 18.73 -32.91
C VAL A 241 -19.70 19.26 -33.74
N PRO A 242 -19.84 18.76 -34.98
CA PRO A 242 -20.93 19.18 -35.87
C PRO A 242 -22.30 18.85 -35.29
N LYS A 243 -23.31 19.62 -35.68
CA LYS A 243 -24.67 19.39 -35.20
C LYS A 243 -25.25 18.16 -35.90
N ILE B 1 0.16 -18.00 -13.00
CA ILE B 1 0.93 -18.76 -14.02
C ILE B 1 1.92 -17.84 -14.73
N VAL B 2 3.21 -18.17 -14.62
CA VAL B 2 4.26 -17.40 -15.28
C VAL B 2 4.59 -18.10 -16.60
N GLY B 3 4.60 -17.33 -17.68
CA GLY B 3 4.85 -17.93 -18.97
C GLY B 3 3.51 -18.46 -19.47
N GLY B 4 3.52 -19.41 -20.38
CA GLY B 4 2.27 -19.96 -20.87
C GLY B 4 1.31 -18.92 -21.45
N GLN B 5 0.09 -19.36 -21.74
CA GLN B 5 -0.91 -18.47 -22.32
C GLN B 5 -2.29 -18.74 -21.72
N GLU B 6 -3.31 -18.19 -22.35
CA GLU B 6 -4.69 -18.37 -21.90
C GLU B 6 -5.14 -19.76 -22.34
N ALA B 7 -5.80 -20.49 -21.45
CA ALA B 7 -6.24 -21.84 -21.78
C ALA B 7 -7.48 -21.89 -22.67
N PRO B 8 -7.54 -22.86 -23.59
CA PRO B 8 -8.72 -22.96 -24.47
C PRO B 8 -9.88 -23.31 -23.54
N ARG B 9 -11.10 -22.86 -23.84
CA ARG B 9 -12.20 -23.17 -22.94
C ARG B 9 -12.58 -24.64 -22.86
N SER B 10 -11.95 -25.47 -23.71
CA SER B 10 -12.22 -26.90 -23.73
C SER B 10 -11.22 -27.65 -22.86
N LYS B 11 -10.21 -26.94 -22.38
CA LYS B 11 -9.17 -27.52 -21.55
C LYS B 11 -9.37 -27.31 -20.04
N TRP B 12 -8.85 -28.24 -19.26
CA TRP B 12 -8.90 -28.17 -17.80
C TRP B 12 -10.31 -28.05 -17.20
N PRO B 13 -11.23 -28.96 -17.56
CA PRO B 13 -12.62 -28.94 -17.06
C PRO B 13 -12.74 -29.10 -15.54
N TRP B 14 -11.66 -29.57 -14.92
CA TRP B 14 -11.60 -29.80 -13.48
C TRP B 14 -11.04 -28.63 -12.65
N GLN B 15 -10.56 -27.59 -13.32
CA GLN B 15 -10.00 -26.42 -12.62
C GLN B 15 -11.05 -25.66 -11.82
N VAL B 16 -10.79 -25.44 -10.54
CA VAL B 16 -11.73 -24.69 -9.73
C VAL B 16 -11.03 -23.52 -9.03
N SER B 17 -11.82 -22.55 -8.59
CA SER B 17 -11.31 -21.38 -7.89
C SER B 17 -11.97 -21.32 -6.52
N LEU B 18 -11.16 -21.19 -5.48
CA LEU B 18 -11.68 -21.08 -4.12
C LEU B 18 -11.87 -19.61 -3.80
N ARG B 19 -13.06 -19.24 -3.30
CA ARG B 19 -13.34 -17.84 -2.99
C ARG B 19 -13.57 -17.58 -1.50
N VAL B 20 -13.06 -16.44 -1.04
CA VAL B 20 -13.20 -16.02 0.34
C VAL B 20 -14.11 -14.80 0.43
N HIS B 21 -15.02 -14.83 1.40
CA HIS B 21 -15.97 -13.73 1.61
C HIS B 21 -15.31 -12.43 2.07
N GLY B 22 -15.72 -11.33 1.45
CA GLY B 22 -15.21 -10.01 1.79
C GLY B 22 -15.96 -8.99 0.94
N PRO B 23 -15.31 -7.90 0.51
CA PRO B 23 -16.00 -6.90 -0.32
C PRO B 23 -16.74 -7.64 -1.44
N TYR B 24 -16.12 -8.70 -1.92
CA TYR B 24 -16.69 -9.59 -2.94
C TYR B 24 -16.04 -10.96 -2.70
N TRP B 25 -16.56 -12.01 -3.31
CA TRP B 25 -15.97 -13.35 -3.12
C TRP B 25 -14.71 -13.44 -3.96
N MET B 26 -13.59 -13.03 -3.35
CA MET B 26 -12.30 -13.00 -4.03
C MET B 26 -11.58 -14.34 -4.11
N HIS B 27 -10.85 -14.51 -5.20
CA HIS B 27 -10.09 -15.74 -5.43
C HIS B 27 -8.85 -15.74 -4.57
N PHE B 28 -8.52 -16.87 -3.96
CA PHE B 28 -7.32 -16.90 -3.13
C PHE B 28 -6.50 -18.17 -3.33
N CYS B 29 -7.07 -19.16 -4.01
CA CYS B 29 -6.38 -20.43 -4.26
C CYS B 29 -7.07 -21.25 -5.34
N GLY B 30 -6.33 -22.20 -5.89
CA GLY B 30 -6.88 -23.08 -6.89
C GLY B 30 -7.35 -24.37 -6.25
N GLY B 31 -7.81 -25.30 -7.08
CA GLY B 31 -8.29 -26.59 -6.61
C GLY B 31 -8.73 -27.38 -7.83
N SER B 32 -9.10 -28.64 -7.64
CA SER B 32 -9.54 -29.46 -8.75
C SER B 32 -10.74 -30.31 -8.33
N LEU B 33 -11.64 -30.58 -9.26
CA LEU B 33 -12.78 -31.38 -8.95
C LEU B 33 -12.35 -32.83 -9.21
N ILE B 34 -12.35 -33.66 -8.16
CA ILE B 34 -11.95 -35.06 -8.31
C ILE B 34 -13.15 -36.00 -8.20
N HIS B 35 -14.26 -35.48 -7.73
CA HIS B 35 -15.49 -36.27 -7.59
C HIS B 35 -16.59 -35.24 -7.58
N PRO B 36 -17.79 -35.60 -8.09
CA PRO B 36 -18.93 -34.68 -8.14
C PRO B 36 -19.19 -33.91 -6.85
N GLN B 37 -18.71 -34.43 -5.73
CA GLN B 37 -18.95 -33.78 -4.45
C GLN B 37 -17.66 -33.40 -3.72
N TRP B 38 -16.53 -33.53 -4.40
CA TRP B 38 -15.26 -33.21 -3.76
C TRP B 38 -14.28 -32.40 -4.59
N VAL B 39 -13.51 -31.58 -3.88
CA VAL B 39 -12.48 -30.72 -4.45
C VAL B 39 -11.15 -30.96 -3.75
N LEU B 40 -10.09 -31.06 -4.53
CA LEU B 40 -8.76 -31.27 -3.97
C LEU B 40 -8.00 -29.97 -4.07
N THR B 41 -7.36 -29.59 -2.97
CA THR B 41 -6.58 -28.36 -2.92
C THR B 41 -5.41 -28.53 -1.94
N ALA B 42 -4.71 -27.44 -1.68
CA ALA B 42 -3.57 -27.46 -0.78
C ALA B 42 -4.03 -27.17 0.64
N ALA B 43 -3.47 -27.88 1.61
CA ALA B 43 -3.86 -27.64 2.99
C ALA B 43 -3.57 -26.19 3.46
N HIS B 44 -2.44 -25.62 3.02
CA HIS B 44 -2.09 -24.27 3.45
C HIS B 44 -3.09 -23.24 2.95
N CYS B 45 -3.94 -23.63 2.02
CA CYS B 45 -4.94 -22.70 1.49
C CYS B 45 -6.08 -22.52 2.47
N VAL B 46 -6.36 -23.54 3.28
CA VAL B 46 -7.45 -23.47 4.25
C VAL B 46 -7.04 -23.78 5.68
N GLY B 47 -5.75 -23.99 5.90
CA GLY B 47 -5.27 -24.29 7.24
C GLY B 47 -3.87 -23.74 7.51
N PRO B 48 -3.19 -24.21 8.59
CA PRO B 48 -3.61 -25.21 9.57
C PRO B 48 -4.72 -24.80 10.53
N ASP B 49 -5.02 -23.51 10.61
CA ASP B 49 -6.05 -23.04 11.52
C ASP B 49 -7.44 -23.19 10.91
N VAL B 50 -8.40 -23.58 11.74
CA VAL B 50 -9.77 -23.75 11.28
C VAL B 50 -10.43 -22.41 10.94
N LYS B 51 -10.95 -22.32 9.71
CA LYS B 51 -11.63 -21.10 9.29
C LYS B 51 -13.13 -21.40 9.22
N ASP B 52 -13.94 -20.36 9.05
CA ASP B 52 -15.39 -20.52 8.98
C ASP B 52 -15.81 -20.97 7.58
N LEU B 53 -16.47 -22.13 7.50
CA LEU B 53 -16.92 -22.65 6.21
C LEU B 53 -17.86 -21.68 5.51
N ALA B 54 -18.57 -20.89 6.31
CA ALA B 54 -19.52 -19.91 5.78
C ALA B 54 -18.81 -18.84 4.95
N ALA B 55 -17.54 -18.57 5.24
CA ALA B 55 -16.80 -17.57 4.49
C ALA B 55 -16.05 -18.18 3.32
N LEU B 56 -16.42 -19.40 2.95
CA LEU B 56 -15.77 -20.09 1.85
C LEU B 56 -16.74 -20.58 0.79
N ARG B 57 -16.37 -20.43 -0.46
CA ARG B 57 -17.21 -20.86 -1.57
C ARG B 57 -16.33 -21.33 -2.69
N VAL B 58 -16.85 -22.27 -3.47
CA VAL B 58 -16.12 -22.80 -4.59
C VAL B 58 -16.76 -22.36 -5.90
N GLN B 59 -15.94 -22.07 -6.89
CA GLN B 59 -16.38 -21.67 -8.22
C GLN B 59 -15.83 -22.69 -9.21
N LEU B 60 -16.72 -23.33 -9.97
CA LEU B 60 -16.25 -24.33 -10.94
C LEU B 60 -15.63 -23.63 -12.13
N ARG B 61 -15.07 -24.44 -13.03
CA ARG B 61 -14.41 -23.94 -14.23
C ARG B 61 -15.01 -22.63 -14.75
N GLU B 62 -14.16 -21.62 -14.88
CA GLU B 62 -14.57 -20.30 -15.37
C GLU B 62 -13.50 -19.78 -16.32
N GLN B 63 -13.87 -19.51 -17.57
CA GLN B 63 -12.87 -19.00 -18.51
C GLN B 63 -12.28 -17.68 -17.99
N HIS B 64 -13.14 -16.83 -17.44
CA HIS B 64 -12.71 -15.54 -16.88
C HIS B 64 -13.26 -15.35 -15.46
N LEU B 65 -12.34 -15.18 -14.51
CA LEU B 65 -12.71 -15.00 -13.11
C LEU B 65 -13.74 -13.91 -12.80
N TYR B 66 -14.71 -14.25 -11.96
CA TYR B 66 -15.75 -13.33 -11.50
C TYR B 66 -16.84 -12.98 -12.50
N TYR B 67 -16.59 -13.22 -13.77
CA TYR B 67 -17.56 -12.89 -14.80
C TYR B 67 -18.81 -13.77 -14.84
N GLN B 68 -18.66 -15.08 -14.70
CA GLN B 68 -19.80 -15.99 -14.75
C GLN B 68 -19.99 -16.75 -13.43
N ASP B 69 -19.67 -16.12 -12.31
CA ASP B 69 -19.80 -16.77 -11.00
C ASP B 69 -21.13 -17.43 -10.69
N GLN B 70 -21.02 -18.60 -10.07
CA GLN B 70 -22.14 -19.41 -9.61
C GLN B 70 -21.51 -20.15 -8.46
N LEU B 71 -21.33 -19.43 -7.36
CA LEU B 71 -20.68 -19.96 -6.17
C LEU B 71 -21.37 -21.14 -5.50
N LEU B 72 -20.56 -22.12 -5.09
CA LEU B 72 -21.06 -23.31 -4.41
C LEU B 72 -20.56 -23.35 -2.97
N PRO B 73 -21.48 -23.52 -2.01
CA PRO B 73 -21.09 -23.57 -0.59
C PRO B 73 -20.36 -24.88 -0.23
N VAL B 74 -19.62 -24.85 0.88
CA VAL B 74 -18.85 -25.99 1.34
C VAL B 74 -19.40 -26.52 2.66
N SER B 75 -19.53 -27.84 2.75
CA SER B 75 -20.04 -28.45 3.98
C SER B 75 -18.93 -28.98 4.88
N ARG B 76 -17.79 -29.38 4.30
CA ARG B 76 -16.66 -29.89 5.07
C ARG B 76 -15.27 -29.51 4.54
N ILE B 77 -14.35 -29.28 5.45
CA ILE B 77 -12.98 -28.93 5.09
C ILE B 77 -12.10 -29.95 5.79
N ILE B 78 -11.54 -30.88 5.03
CA ILE B 78 -10.70 -31.92 5.59
C ILE B 78 -9.24 -31.72 5.18
N VAL B 79 -8.42 -31.35 6.16
CA VAL B 79 -6.99 -31.10 5.95
C VAL B 79 -6.17 -32.25 6.48
N HIS B 80 -5.17 -32.67 5.71
CA HIS B 80 -4.34 -33.76 6.15
C HIS B 80 -3.84 -33.45 7.55
N PRO B 81 -4.12 -34.36 8.51
CA PRO B 81 -3.72 -34.21 9.91
C PRO B 81 -2.21 -34.01 10.15
N GLN B 82 -1.38 -34.32 9.15
CA GLN B 82 0.06 -34.15 9.30
C GLN B 82 0.54 -32.78 8.86
N PHE B 83 -0.39 -31.95 8.41
CA PHE B 83 -0.01 -30.63 7.93
C PHE B 83 0.10 -29.52 8.93
N TYR B 84 1.09 -28.67 8.71
CA TYR B 84 1.30 -27.48 9.49
C TYR B 84 1.91 -26.42 8.58
N THR B 85 2.90 -26.80 7.76
CA THR B 85 3.48 -25.87 6.79
C THR B 85 3.86 -26.64 5.52
N ALA B 86 3.74 -25.98 4.37
CA ALA B 86 4.06 -26.59 3.10
C ALA B 86 5.49 -27.09 3.05
N GLN B 87 6.39 -26.45 3.77
CA GLN B 87 7.79 -26.88 3.75
C GLN B 87 7.93 -28.21 4.48
N ILE B 88 7.18 -28.38 5.57
CA ILE B 88 7.25 -29.62 6.32
C ILE B 88 6.59 -30.72 5.52
N GLY B 89 5.49 -30.41 4.84
CA GLY B 89 4.82 -31.41 4.04
C GLY B 89 3.34 -31.61 4.30
N ALA B 90 2.78 -32.62 3.64
CA ALA B 90 1.38 -32.96 3.74
C ALA B 90 0.53 -31.74 3.36
N ASP B 91 0.97 -31.00 2.36
CA ASP B 91 0.22 -29.83 1.91
C ASP B 91 -0.93 -30.27 1.02
N ILE B 92 -1.96 -30.85 1.62
CA ILE B 92 -3.08 -31.33 0.84
C ILE B 92 -4.36 -31.30 1.66
N ALA B 93 -5.48 -31.01 1.00
CA ALA B 93 -6.77 -30.95 1.67
C ALA B 93 -7.95 -31.29 0.76
N LEU B 94 -9.09 -31.60 1.40
CA LEU B 94 -10.30 -31.94 0.68
C LEU B 94 -11.48 -31.06 1.05
N LEU B 95 -12.21 -30.62 0.03
CA LEU B 95 -13.37 -29.79 0.25
C LEU B 95 -14.62 -30.55 -0.20
N GLU B 96 -15.51 -30.84 0.73
CA GLU B 96 -16.76 -31.51 0.37
C GLU B 96 -17.82 -30.42 0.15
N LEU B 97 -18.43 -30.43 -1.03
CA LEU B 97 -19.47 -29.47 -1.38
C LEU B 97 -20.76 -29.92 -0.71
N GLU B 98 -21.71 -29.00 -0.59
CA GLU B 98 -22.99 -29.32 0.05
C GLU B 98 -23.89 -30.16 -0.85
N GLU B 99 -23.72 -30.03 -2.16
CA GLU B 99 -24.50 -30.80 -3.13
C GLU B 99 -23.53 -31.33 -4.16
N PRO B 100 -23.93 -32.39 -4.89
CA PRO B 100 -23.05 -32.96 -5.93
C PRO B 100 -23.21 -32.04 -7.14
N VAL B 101 -22.17 -31.92 -7.96
CA VAL B 101 -22.30 -31.06 -9.13
C VAL B 101 -22.59 -31.91 -10.35
N LYS B 102 -23.17 -31.30 -11.37
CA LYS B 102 -23.49 -31.99 -12.60
C LYS B 102 -22.31 -31.86 -13.54
N VAL B 103 -21.76 -32.99 -13.97
CA VAL B 103 -20.61 -32.95 -14.86
C VAL B 103 -21.01 -32.96 -16.32
N SER B 104 -20.18 -32.34 -17.14
CA SER B 104 -20.41 -32.27 -18.58
C SER B 104 -19.04 -32.32 -19.22
N SER B 105 -18.98 -32.17 -20.54
CA SER B 105 -17.69 -32.20 -21.22
C SER B 105 -16.93 -30.91 -20.93
N HIS B 106 -17.62 -29.89 -20.44
CA HIS B 106 -16.98 -28.63 -20.13
C HIS B 106 -16.50 -28.59 -18.67
N VAL B 107 -17.18 -29.33 -17.81
CA VAL B 107 -16.81 -29.39 -16.40
C VAL B 107 -16.96 -30.79 -15.80
N HIS B 108 -15.86 -31.49 -15.60
CA HIS B 108 -15.90 -32.81 -14.99
C HIS B 108 -14.69 -33.02 -14.09
N THR B 109 -14.59 -34.19 -13.48
CA THR B 109 -13.50 -34.48 -12.57
C THR B 109 -12.20 -34.87 -13.28
N VAL B 110 -11.10 -34.72 -12.54
CA VAL B 110 -9.78 -35.07 -13.05
C VAL B 110 -9.48 -36.47 -12.50
N THR B 111 -8.75 -37.28 -13.25
CA THR B 111 -8.44 -38.63 -12.81
C THR B 111 -7.21 -38.66 -11.92
N LEU B 112 -7.33 -39.30 -10.77
CA LEU B 112 -6.19 -39.43 -9.88
C LEU B 112 -5.29 -40.51 -10.47
N PRO B 113 -3.98 -40.45 -10.19
CA PRO B 113 -2.99 -41.41 -10.69
C PRO B 113 -2.86 -42.66 -9.84
N PRO B 114 -2.47 -43.79 -10.45
CA PRO B 114 -2.32 -45.02 -9.66
C PRO B 114 -1.12 -44.79 -8.76
N ALA B 115 -1.08 -45.47 -7.62
CA ALA B 115 0.00 -45.32 -6.66
C ALA B 115 1.40 -45.65 -7.20
N SER B 116 1.45 -46.30 -8.35
CA SER B 116 2.72 -46.69 -8.96
C SER B 116 3.34 -45.63 -9.87
N GLU B 117 2.52 -44.72 -10.37
CA GLU B 117 3.00 -43.68 -11.27
C GLU B 117 4.04 -42.78 -10.64
N THR B 118 5.12 -42.51 -11.37
CA THR B 118 6.18 -41.65 -10.85
C THR B 118 6.31 -40.35 -11.61
N PHE B 119 5.83 -40.32 -12.85
CA PHE B 119 5.93 -39.11 -13.64
C PHE B 119 7.40 -38.73 -13.80
N PRO B 120 8.19 -39.60 -14.44
CA PRO B 120 9.62 -39.35 -14.65
C PRO B 120 9.93 -38.06 -15.37
N PRO B 121 11.16 -37.56 -15.25
CA PRO B 121 11.52 -36.32 -15.94
C PRO B 121 11.23 -36.54 -17.42
N GLY B 122 11.21 -35.47 -18.20
CA GLY B 122 10.93 -35.64 -19.62
C GLY B 122 9.47 -35.93 -19.86
N MET B 123 8.69 -35.95 -18.79
CA MET B 123 7.25 -36.19 -18.87
C MET B 123 6.55 -34.88 -19.15
N PRO B 124 5.57 -34.89 -20.07
CA PRO B 124 4.81 -33.69 -20.41
C PRO B 124 3.74 -33.39 -19.36
N CYS B 125 3.87 -32.27 -18.67
CA CYS B 125 2.90 -31.89 -17.66
C CYS B 125 2.52 -30.42 -17.73
N TRP B 126 1.30 -30.10 -17.33
CA TRP B 126 0.81 -28.72 -17.36
C TRP B 126 0.26 -28.31 -16.01
N VAL B 127 0.40 -27.03 -15.70
CA VAL B 127 -0.12 -26.48 -14.46
C VAL B 127 -0.96 -25.27 -14.84
N THR B 128 -2.14 -25.16 -14.23
CA THR B 128 -3.09 -24.11 -14.53
C THR B 128 -3.61 -23.36 -13.32
N GLY B 129 -4.03 -22.10 -13.54
CA GLY B 129 -4.55 -21.29 -12.47
C GLY B 129 -4.76 -19.84 -12.85
N TRP B 130 -5.23 -19.05 -11.89
CA TRP B 130 -5.49 -17.63 -12.08
C TRP B 130 -4.53 -16.76 -11.28
N GLY B 131 -3.38 -17.33 -10.95
CA GLY B 131 -2.40 -16.60 -10.16
C GLY B 131 -1.58 -15.57 -10.92
N ASP B 132 -0.72 -14.87 -10.20
CA ASP B 132 0.14 -13.84 -10.77
C ASP B 132 0.87 -14.32 -12.03
N VAL B 133 1.25 -13.38 -12.90
CA VAL B 133 1.95 -13.76 -14.13
C VAL B 133 3.46 -13.60 -13.95
N ASP B 134 3.85 -13.17 -12.76
CA ASP B 134 5.25 -12.98 -12.42
C ASP B 134 5.30 -12.48 -10.98
N ASN B 135 6.48 -12.53 -10.36
CA ASN B 135 6.62 -12.06 -8.99
C ASN B 135 6.00 -10.68 -8.82
N ASP B 136 5.13 -10.52 -7.82
CA ASP B 136 4.48 -9.24 -7.56
C ASP B 136 3.87 -8.68 -8.84
N GLU B 137 3.17 -9.52 -9.59
CA GLU B 137 2.57 -9.08 -10.84
C GLU B 137 1.25 -9.80 -11.05
N ARG B 138 0.17 -9.16 -10.62
CA ARG B 138 -1.17 -9.73 -10.72
C ARG B 138 -1.66 -10.01 -12.14
N LEU B 139 -2.49 -11.05 -12.26
CA LEU B 139 -3.08 -11.41 -13.53
C LEU B 139 -4.06 -10.25 -13.79
N PRO B 140 -3.88 -9.52 -14.89
CA PRO B 140 -4.79 -8.40 -15.16
C PRO B 140 -6.19 -8.86 -15.58
N PRO B 141 -7.22 -8.04 -15.30
CA PRO B 141 -8.58 -8.44 -15.69
C PRO B 141 -8.55 -8.49 -17.22
N PRO B 142 -9.48 -9.21 -17.87
CA PRO B 142 -10.59 -10.00 -17.35
C PRO B 142 -10.25 -11.30 -16.59
N PHE B 143 -8.98 -11.48 -16.21
CA PHE B 143 -8.56 -12.66 -15.45
C PHE B 143 -8.87 -13.98 -16.14
N PRO B 144 -8.15 -14.30 -17.22
CA PRO B 144 -8.36 -15.54 -17.97
C PRO B 144 -7.66 -16.69 -17.29
N LEU B 145 -8.18 -17.90 -17.45
CA LEU B 145 -7.53 -19.07 -16.88
C LEU B 145 -6.27 -19.29 -17.71
N LYS B 146 -5.12 -19.39 -17.04
CA LYS B 146 -3.89 -19.61 -17.78
C LYS B 146 -3.39 -21.02 -17.57
N GLN B 147 -2.51 -21.46 -18.48
CA GLN B 147 -1.92 -22.78 -18.45
C GLN B 147 -0.47 -22.62 -18.86
N VAL B 148 0.36 -23.59 -18.54
CA VAL B 148 1.77 -23.56 -18.94
C VAL B 148 2.39 -24.94 -18.80
N LYS B 149 3.06 -25.38 -19.85
CA LYS B 149 3.73 -26.68 -19.84
C LYS B 149 5.01 -26.51 -19.04
N VAL B 150 5.20 -27.34 -18.01
CA VAL B 150 6.40 -27.25 -17.19
C VAL B 150 7.20 -28.54 -17.21
N PRO B 151 8.54 -28.43 -17.24
CA PRO B 151 9.39 -29.61 -17.27
C PRO B 151 9.51 -30.23 -15.87
N ILE B 152 9.25 -31.53 -15.78
CA ILE B 152 9.34 -32.25 -14.53
C ILE B 152 10.78 -32.66 -14.27
N MET B 153 11.24 -32.47 -13.04
CA MET B 153 12.60 -32.82 -12.69
C MET B 153 12.61 -33.69 -11.44
N GLU B 154 13.54 -34.63 -11.40
CA GLU B 154 13.72 -35.57 -10.32
C GLU B 154 13.92 -34.86 -8.96
N ASN B 155 13.20 -35.30 -7.94
CA ASN B 155 13.31 -34.70 -6.62
C ASN B 155 14.76 -34.42 -6.24
N HIS B 156 15.59 -35.45 -6.30
CA HIS B 156 17.01 -35.36 -5.98
C HIS B 156 17.69 -34.13 -6.60
N ILE B 157 17.44 -33.92 -7.88
CA ILE B 157 18.00 -32.80 -8.62
C ILE B 157 17.54 -31.47 -8.04
N CYS B 158 16.24 -31.38 -7.75
CA CYS B 158 15.69 -30.16 -7.20
C CYS B 158 16.17 -29.90 -5.78
N ASP B 159 16.38 -30.97 -5.02
CA ASP B 159 16.84 -30.79 -3.65
C ASP B 159 18.20 -30.09 -3.67
N ALA B 160 19.13 -30.64 -4.43
CA ALA B 160 20.47 -30.07 -4.57
C ALA B 160 20.36 -28.61 -4.96
N LYS B 161 19.56 -28.33 -5.99
CA LYS B 161 19.37 -26.95 -6.44
C LYS B 161 18.97 -26.00 -5.29
N TYR B 162 18.02 -26.43 -4.48
CA TYR B 162 17.56 -25.60 -3.37
C TYR B 162 18.64 -25.33 -2.34
N HIS B 163 19.67 -26.18 -2.30
CA HIS B 163 20.77 -25.99 -1.36
C HIS B 163 21.82 -25.03 -1.91
N LEU B 164 21.77 -24.78 -3.21
CA LEU B 164 22.73 -23.86 -3.82
C LEU B 164 22.34 -22.44 -3.41
N GLY B 165 23.31 -21.69 -2.88
CA GLY B 165 23.04 -20.32 -2.46
C GLY B 165 22.28 -20.30 -1.14
N ALA B 166 22.43 -21.37 -0.37
CA ALA B 166 21.74 -21.46 0.91
C ALA B 166 22.67 -21.98 1.99
N TYR B 167 22.39 -21.61 3.23
CA TYR B 167 23.19 -22.04 4.38
C TYR B 167 22.83 -23.44 4.83
N THR B 168 21.67 -23.92 4.40
CA THR B 168 21.20 -25.23 4.80
C THR B 168 22.15 -26.36 4.42
N GLY B 169 22.55 -27.13 5.42
CA GLY B 169 23.45 -28.25 5.20
C GLY B 169 22.88 -29.20 4.15
N ASP B 170 23.78 -29.63 3.25
CA ASP B 170 23.42 -30.52 2.17
C ASP B 170 22.63 -31.78 2.54
N ASP B 171 22.93 -32.39 3.69
CA ASP B 171 22.23 -33.61 4.08
C ASP B 171 20.86 -33.37 4.72
N VAL B 172 20.47 -32.09 4.81
CA VAL B 172 19.18 -31.74 5.36
C VAL B 172 18.25 -31.61 4.15
N ARG B 173 17.33 -32.57 3.99
CA ARG B 173 16.41 -32.55 2.85
C ARG B 173 15.47 -31.35 2.90
N ILE B 174 15.34 -30.68 1.77
CA ILE B 174 14.46 -29.52 1.65
C ILE B 174 13.25 -30.00 0.84
N VAL B 175 13.49 -30.49 -0.36
CA VAL B 175 12.43 -31.03 -1.21
C VAL B 175 12.15 -32.44 -0.72
N ARG B 176 11.07 -32.63 0.03
CA ARG B 176 10.77 -33.95 0.58
C ARG B 176 10.19 -34.98 -0.35
N ASP B 177 10.20 -36.24 0.11
CA ASP B 177 9.70 -37.36 -0.69
C ASP B 177 8.22 -37.23 -1.04
N ASP B 178 7.44 -36.67 -0.14
CA ASP B 178 6.02 -36.50 -0.41
C ASP B 178 5.80 -35.29 -1.32
N MET B 179 6.87 -34.79 -1.95
CA MET B 179 6.76 -33.64 -2.83
C MET B 179 7.19 -33.97 -4.25
N LEU B 180 6.94 -33.04 -5.15
CA LEU B 180 7.27 -33.19 -6.57
C LEU B 180 7.64 -31.81 -7.08
N CYS B 181 8.62 -31.72 -7.98
CA CYS B 181 9.02 -30.43 -8.50
C CYS B 181 8.94 -30.34 -10.02
N ALA B 182 8.59 -29.14 -10.50
CA ALA B 182 8.45 -28.89 -11.93
C ALA B 182 8.59 -27.39 -12.19
N GLY B 183 9.03 -27.04 -13.40
CA GLY B 183 9.19 -25.64 -13.75
C GLY B 183 10.63 -25.21 -13.89
N ASN B 184 10.84 -24.07 -14.53
CA ASN B 184 12.17 -23.51 -14.73
C ASN B 184 12.10 -21.98 -14.67
N THR B 185 13.13 -21.31 -15.16
CA THR B 185 13.18 -19.86 -15.13
C THR B 185 12.17 -19.11 -16.00
N ARG B 186 11.41 -19.84 -16.82
CA ARG B 186 10.41 -19.22 -17.67
C ARG B 186 9.00 -19.76 -17.39
N ARG B 187 8.92 -21.04 -17.04
CA ARG B 187 7.64 -21.67 -16.79
C ARG B 187 7.51 -22.05 -15.32
N ASP B 188 6.37 -21.71 -14.71
CA ASP B 188 6.13 -22.03 -13.30
C ASP B 188 4.79 -21.47 -12.84
N SER B 189 4.33 -21.92 -11.68
CA SER B 189 3.08 -21.44 -11.12
C SER B 189 3.50 -20.28 -10.22
N CYS B 190 2.55 -19.46 -9.79
CA CYS B 190 2.91 -18.33 -8.94
C CYS B 190 1.86 -18.12 -7.87
N GLN B 191 2.10 -17.16 -6.98
CA GLN B 191 1.14 -16.87 -5.92
C GLN B 191 -0.27 -16.82 -6.52
N GLY B 192 -1.22 -17.47 -5.85
CA GLY B 192 -2.59 -17.49 -6.35
C GLY B 192 -2.92 -18.76 -7.12
N ASP B 193 -1.91 -19.55 -7.45
CA ASP B 193 -2.12 -20.80 -8.17
C ASP B 193 -2.11 -21.95 -7.18
N SER B 194 -1.71 -21.66 -5.94
CA SER B 194 -1.68 -22.65 -4.86
C SER B 194 -2.95 -23.48 -4.79
N GLY B 195 -2.79 -24.76 -4.47
CA GLY B 195 -3.93 -25.65 -4.35
C GLY B 195 -4.44 -26.15 -5.69
N GLY B 196 -4.00 -25.48 -6.76
CA GLY B 196 -4.39 -25.85 -8.10
C GLY B 196 -3.76 -27.17 -8.53
N PRO B 197 -4.04 -27.64 -9.75
CA PRO B 197 -3.47 -28.90 -10.18
C PRO B 197 -2.32 -28.86 -11.18
N LEU B 198 -1.52 -29.91 -11.14
CA LEU B 198 -0.41 -30.12 -12.06
C LEU B 198 -0.80 -31.47 -12.66
N VAL B 199 -1.07 -31.50 -13.96
CA VAL B 199 -1.51 -32.72 -14.61
C VAL B 199 -0.62 -33.16 -15.75
N CYS B 200 -0.54 -34.47 -15.97
CA CYS B 200 0.28 -35.03 -17.04
C CYS B 200 -0.53 -36.05 -17.80
N LYS B 201 -0.46 -35.97 -19.12
CA LYS B 201 -1.17 -36.88 -19.99
C LYS B 201 -0.38 -38.19 -20.04
N VAL B 202 -0.91 -39.23 -19.40
CA VAL B 202 -0.25 -40.53 -19.35
C VAL B 202 -1.12 -41.58 -20.04
N ASN B 203 -0.60 -42.16 -21.12
CA ASN B 203 -1.32 -43.18 -21.87
C ASN B 203 -2.69 -42.68 -22.35
N GLY B 204 -2.74 -41.43 -22.80
CA GLY B 204 -3.96 -40.86 -23.31
C GLY B 204 -4.93 -40.24 -22.32
N THR B 205 -4.64 -40.34 -21.02
CA THR B 205 -5.55 -39.75 -20.04
C THR B 205 -4.83 -38.85 -19.06
N TRP B 206 -5.46 -37.72 -18.74
CA TRP B 206 -4.86 -36.77 -17.80
C TRP B 206 -4.98 -37.27 -16.35
N LEU B 207 -3.86 -37.28 -15.65
CA LEU B 207 -3.83 -37.73 -14.25
C LEU B 207 -3.28 -36.55 -13.46
N GLN B 208 -3.67 -36.40 -12.20
CA GLN B 208 -3.13 -35.28 -11.42
C GLN B 208 -1.92 -35.75 -10.64
N ALA B 209 -0.75 -35.26 -11.03
CA ALA B 209 0.50 -35.62 -10.39
C ALA B 209 0.77 -34.87 -9.09
N GLY B 210 0.36 -33.61 -9.04
CA GLY B 210 0.60 -32.84 -7.83
C GLY B 210 -0.28 -31.63 -7.60
N VAL B 211 -0.11 -31.01 -6.44
CA VAL B 211 -0.86 -29.83 -6.04
C VAL B 211 0.10 -28.67 -5.78
N VAL B 212 -0.14 -27.51 -6.41
CA VAL B 212 0.73 -26.34 -6.25
C VAL B 212 0.89 -26.08 -4.75
N SER B 213 2.11 -26.21 -4.25
CA SER B 213 2.34 -26.07 -2.83
C SER B 213 3.20 -24.90 -2.38
N TRP B 214 4.44 -24.84 -2.86
CA TRP B 214 5.32 -23.75 -2.46
C TRP B 214 6.59 -23.65 -3.29
N GLY B 215 7.39 -22.66 -2.95
CA GLY B 215 8.65 -22.45 -3.64
C GLY B 215 9.27 -21.21 -3.04
N GLU B 216 10.31 -20.71 -3.69
CA GLU B 216 10.96 -19.52 -3.21
C GLU B 216 10.91 -18.58 -4.39
N GLY B 217 9.72 -18.04 -4.66
CA GLY B 217 9.57 -17.14 -5.78
C GLY B 217 9.06 -17.84 -7.02
N CYS B 218 8.72 -17.07 -8.04
CA CYS B 218 8.18 -17.63 -9.27
C CYS B 218 9.19 -17.65 -10.39
N ALA B 219 9.43 -18.84 -10.93
CA ALA B 219 10.36 -19.01 -12.03
C ALA B 219 11.74 -18.43 -11.71
N GLN B 220 12.22 -18.70 -10.49
CA GLN B 220 13.53 -18.24 -10.06
C GLN B 220 14.57 -19.34 -10.24
N PRO B 221 15.80 -18.96 -10.62
CA PRO B 221 16.85 -19.96 -10.82
C PRO B 221 17.18 -20.75 -9.56
N ASN B 222 17.47 -22.04 -9.75
CA ASN B 222 17.80 -22.96 -8.65
C ASN B 222 16.67 -23.13 -7.64
N ARG B 223 15.50 -22.59 -7.95
CA ARG B 223 14.36 -22.72 -7.03
C ARG B 223 13.13 -23.16 -7.81
N PRO B 224 13.16 -24.40 -8.31
CA PRO B 224 12.03 -24.91 -9.07
C PRO B 224 10.73 -25.01 -8.24
N GLY B 225 9.60 -25.00 -8.92
CA GLY B 225 8.32 -25.10 -8.24
C GLY B 225 8.16 -26.42 -7.50
N ILE B 226 7.60 -26.35 -6.31
CA ILE B 226 7.37 -27.55 -5.51
C ILE B 226 5.86 -27.86 -5.37
N TYR B 227 5.51 -29.11 -5.64
CA TYR B 227 4.12 -29.55 -5.56
C TYR B 227 3.98 -30.71 -4.59
N THR B 228 2.80 -30.86 -4.00
CA THR B 228 2.54 -31.98 -3.10
C THR B 228 2.37 -33.15 -4.07
N ARG B 229 3.03 -34.28 -3.79
CA ARG B 229 2.94 -35.46 -4.65
C ARG B 229 1.62 -36.21 -4.38
N VAL B 230 0.73 -36.25 -5.37
CA VAL B 230 -0.55 -36.91 -5.16
C VAL B 230 -0.49 -38.41 -4.87
N THR B 231 0.39 -39.13 -5.56
CA THR B 231 0.49 -40.57 -5.32
C THR B 231 0.75 -40.85 -3.84
N TYR B 232 1.54 -40.00 -3.21
CA TYR B 232 1.88 -40.20 -1.81
C TYR B 232 0.68 -40.18 -0.87
N TYR B 233 -0.38 -39.47 -1.26
CA TYR B 233 -1.55 -39.34 -0.40
C TYR B 233 -2.85 -40.04 -0.82
N LEU B 234 -2.77 -40.94 -1.80
CA LEU B 234 -3.96 -41.64 -2.29
C LEU B 234 -4.75 -42.32 -1.17
N ASP B 235 -4.06 -43.06 -0.32
CA ASP B 235 -4.73 -43.77 0.78
C ASP B 235 -5.56 -42.81 1.62
N TRP B 236 -5.00 -41.65 1.91
CA TRP B 236 -5.72 -40.66 2.70
C TRP B 236 -6.94 -40.12 1.94
N ILE B 237 -6.77 -39.82 0.66
CA ILE B 237 -7.85 -39.30 -0.15
C ILE B 237 -9.05 -40.25 -0.21
N HIS B 238 -8.77 -41.55 -0.32
CA HIS B 238 -9.80 -42.56 -0.42
C HIS B 238 -10.50 -42.87 0.88
N HIS B 239 -9.96 -42.36 1.99
CA HIS B 239 -10.62 -42.59 3.25
C HIS B 239 -11.83 -41.62 3.29
N TYR B 240 -11.89 -40.74 2.29
CA TYR B 240 -12.97 -39.75 2.18
C TYR B 240 -13.72 -39.76 0.85
N VAL B 241 -12.99 -39.79 -0.25
CA VAL B 241 -13.61 -39.76 -1.58
C VAL B 241 -13.83 -41.14 -2.17
N PRO B 242 -15.08 -41.43 -2.57
CA PRO B 242 -15.43 -42.73 -3.16
C PRO B 242 -14.52 -43.05 -4.35
N LYS B 243 -14.18 -44.32 -4.53
CA LYS B 243 -13.31 -44.74 -5.64
C LYS B 243 -14.13 -44.80 -6.94
N ILE C 1 7.05 -5.13 20.21
CA ILE C 1 6.65 -5.60 21.56
C ILE C 1 5.19 -5.24 21.83
N VAL C 2 4.38 -6.24 22.15
CA VAL C 2 2.97 -6.02 22.43
C VAL C 2 2.63 -6.04 23.91
N GLY C 3 1.95 -5.00 24.37
CA GLY C 3 1.54 -4.90 25.76
C GLY C 3 2.62 -4.49 26.74
N GLY C 4 3.76 -4.04 26.24
CA GLY C 4 4.85 -3.63 27.11
C GLY C 4 4.93 -2.12 27.33
N GLN C 5 6.15 -1.62 27.42
CA GLN C 5 6.39 -0.20 27.63
C GLN C 5 7.84 0.11 27.28
N GLU C 6 8.14 1.40 27.09
CA GLU C 6 9.51 1.81 26.76
C GLU C 6 10.42 1.42 27.91
N ALA C 7 11.60 0.90 27.56
CA ALA C 7 12.55 0.44 28.55
C ALA C 7 13.50 1.51 29.09
N PRO C 8 13.73 1.51 30.42
CA PRO C 8 14.63 2.49 31.01
C PRO C 8 16.01 2.29 30.38
N ARG C 9 16.79 3.35 30.31
CA ARG C 9 18.12 3.28 29.69
C ARG C 9 19.12 2.30 30.30
N SER C 10 18.91 1.95 31.57
CA SER C 10 19.82 1.06 32.28
C SER C 10 19.53 -0.42 32.15
N LYS C 11 18.46 -0.78 31.45
CA LYS C 11 18.10 -2.19 31.28
C LYS C 11 18.30 -2.68 29.86
N TRP C 12 18.59 -3.97 29.72
CA TRP C 12 18.80 -4.59 28.42
C TRP C 12 20.04 -4.01 27.70
N PRO C 13 21.20 -4.02 28.36
CA PRO C 13 22.43 -3.50 27.76
C PRO C 13 23.01 -4.33 26.62
N TRP C 14 22.38 -5.47 26.36
CA TRP C 14 22.82 -6.41 25.33
C TRP C 14 21.98 -6.39 24.06
N GLN C 15 20.84 -5.69 24.12
CA GLN C 15 19.93 -5.60 22.97
C GLN C 15 20.68 -4.97 21.80
N VAL C 16 20.51 -5.54 20.62
CA VAL C 16 21.17 -4.98 19.44
C VAL C 16 20.15 -4.94 18.32
N SER C 17 20.44 -4.14 17.30
CA SER C 17 19.56 -4.00 16.16
C SER C 17 20.30 -4.36 14.88
N LEU C 18 19.65 -5.14 14.02
CA LEU C 18 20.26 -5.53 12.75
C LEU C 18 19.77 -4.59 11.65
N ARG C 19 20.71 -4.08 10.85
CA ARG C 19 20.37 -3.16 9.77
C ARG C 19 20.70 -3.72 8.40
N VAL C 20 19.84 -3.41 7.45
CA VAL C 20 20.00 -3.84 6.07
C VAL C 20 20.12 -2.61 5.20
N HIS C 21 21.05 -2.63 4.26
CA HIS C 21 21.27 -1.49 3.36
C HIS C 21 20.15 -1.20 2.36
N GLY C 22 19.87 0.08 2.20
CA GLY C 22 18.84 0.54 1.27
C GLY C 22 18.82 2.06 1.34
N PRO C 23 17.66 2.72 1.14
CA PRO C 23 17.66 4.19 1.21
C PRO C 23 18.34 4.63 2.51
N TYR C 24 18.13 3.84 3.58
CA TYR C 24 18.77 4.09 4.86
C TYR C 24 19.01 2.72 5.53
N TRP C 25 19.83 2.66 6.57
CA TRP C 25 20.08 1.38 7.23
C TRP C 25 18.94 0.96 8.14
N MET C 26 17.90 0.41 7.52
CA MET C 26 16.71 0.00 8.24
C MET C 26 16.86 -1.24 9.12
N HIS C 27 16.15 -1.19 10.24
CA HIS C 27 16.11 -2.27 11.20
C HIS C 27 15.21 -3.38 10.62
N PHE C 28 15.61 -4.64 10.77
CA PHE C 28 14.80 -5.76 10.27
C PHE C 28 14.70 -6.92 11.27
N CYS C 29 15.59 -6.92 12.25
CA CYS C 29 15.59 -7.95 13.27
C CYS C 29 16.39 -7.49 14.47
N GLY C 30 16.22 -8.17 15.59
CA GLY C 30 16.97 -7.83 16.77
C GLY C 30 18.07 -8.86 16.94
N GLY C 31 18.75 -8.79 18.08
CA GLY C 31 19.83 -9.71 18.40
C GLY C 31 20.23 -9.43 19.84
N SER C 32 21.27 -10.10 20.31
CA SER C 32 21.76 -9.89 21.67
C SER C 32 23.27 -10.05 21.66
N LEU C 33 23.95 -9.29 22.52
CA LEU C 33 25.41 -9.39 22.61
C LEU C 33 25.71 -10.47 23.64
N ILE C 34 26.27 -11.59 23.19
CA ILE C 34 26.58 -12.71 24.07
C ILE C 34 28.08 -12.85 24.36
N HIS C 35 28.87 -12.05 23.65
CA HIS C 35 30.32 -12.04 23.78
C HIS C 35 30.74 -10.74 23.10
N PRO C 36 31.87 -10.15 23.54
CA PRO C 36 32.36 -8.90 22.96
C PRO C 36 32.38 -8.85 21.44
N GLN C 37 32.46 -9.99 20.78
CA GLN C 37 32.48 -10.00 19.32
C GLN C 37 31.37 -10.80 18.70
N TRP C 38 30.44 -11.29 19.51
CA TRP C 38 29.37 -12.08 18.94
C TRP C 38 27.95 -11.69 19.28
N VAL C 39 27.13 -11.65 18.24
CA VAL C 39 25.72 -11.35 18.37
C VAL C 39 24.92 -12.60 18.00
N LEU C 40 24.05 -12.99 18.92
CA LEU C 40 23.17 -14.14 18.77
C LEU C 40 21.86 -13.65 18.14
N THR C 41 21.29 -14.39 17.19
CA THR C 41 20.04 -13.96 16.56
C THR C 41 19.29 -15.13 15.91
N ALA C 42 18.17 -14.86 15.26
CA ALA C 42 17.40 -15.93 14.61
C ALA C 42 17.87 -16.18 13.18
N ALA C 43 17.97 -17.46 12.81
CA ALA C 43 18.42 -17.83 11.48
C ALA C 43 17.54 -17.24 10.38
N HIS C 44 16.23 -17.30 10.54
CA HIS C 44 15.35 -16.78 9.50
C HIS C 44 15.59 -15.30 9.22
N CYS C 45 16.28 -14.61 10.13
CA CYS C 45 16.59 -13.21 9.93
C CYS C 45 17.67 -13.03 8.86
N VAL C 46 18.58 -14.01 8.78
CA VAL C 46 19.69 -13.93 7.83
C VAL C 46 19.80 -15.13 6.88
N GLY C 47 18.73 -15.92 6.78
CA GLY C 47 18.74 -17.07 5.90
C GLY C 47 17.34 -17.54 5.58
N PRO C 48 17.20 -18.77 5.07
CA PRO C 48 18.29 -19.70 4.81
C PRO C 48 19.19 -19.37 3.61
N ASP C 49 18.77 -18.44 2.76
CA ASP C 49 19.60 -18.10 1.61
C ASP C 49 20.74 -17.19 2.01
N VAL C 50 21.92 -17.40 1.43
CA VAL C 50 23.08 -16.59 1.78
C VAL C 50 22.93 -15.12 1.42
N LYS C 51 23.28 -14.25 2.36
CA LYS C 51 23.17 -12.81 2.15
C LYS C 51 24.53 -12.20 1.90
N ASP C 52 24.54 -10.91 1.60
CA ASP C 52 25.78 -10.19 1.33
C ASP C 52 26.24 -9.42 2.57
N LEU C 53 27.42 -9.77 3.09
CA LEU C 53 27.94 -9.10 4.29
C LEU C 53 27.97 -7.57 4.22
N ALA C 54 28.25 -7.03 3.04
CA ALA C 54 28.33 -5.59 2.84
C ALA C 54 27.00 -4.89 3.13
N ALA C 55 25.91 -5.64 3.02
CA ALA C 55 24.59 -5.08 3.22
C ALA C 55 24.09 -5.23 4.65
N LEU C 56 24.95 -5.71 5.54
CA LEU C 56 24.55 -5.91 6.93
C LEU C 56 25.33 -5.06 7.92
N ARG C 57 24.65 -4.65 8.98
CA ARG C 57 25.28 -3.85 10.02
C ARG C 57 24.61 -4.14 11.34
N VAL C 58 25.35 -3.89 12.41
CA VAL C 58 24.86 -4.12 13.75
C VAL C 58 24.89 -2.80 14.50
N GLN C 59 23.84 -2.58 15.28
CA GLN C 59 23.70 -1.38 16.09
C GLN C 59 23.49 -1.87 17.52
N LEU C 60 24.28 -1.35 18.45
CA LEU C 60 24.17 -1.74 19.86
C LEU C 60 23.03 -1.01 20.56
N ARG C 61 22.86 -1.27 21.86
CA ARG C 61 21.76 -0.66 22.60
C ARG C 61 21.53 0.83 22.36
N GLU C 62 20.45 1.12 21.65
CA GLU C 62 20.02 2.48 21.36
C GLU C 62 18.69 2.67 22.07
N GLN C 63 18.51 3.80 22.74
CA GLN C 63 17.26 4.09 23.45
C GLN C 63 16.18 4.33 22.38
N HIS C 64 16.56 5.03 21.32
CA HIS C 64 15.64 5.32 20.23
C HIS C 64 16.32 5.00 18.89
N LEU C 65 15.74 4.04 18.17
CA LEU C 65 16.27 3.60 16.89
C LEU C 65 16.60 4.72 15.92
N TYR C 66 17.70 4.55 15.20
CA TYR C 66 18.17 5.48 14.18
C TYR C 66 18.70 6.81 14.70
N TYR C 67 18.34 7.19 15.91
CA TYR C 67 18.76 8.48 16.42
C TYR C 67 20.24 8.64 16.78
N GLN C 68 20.86 7.65 17.40
CA GLN C 68 22.27 7.78 17.74
C GLN C 68 23.06 6.66 17.08
N ASP C 69 22.78 6.41 15.80
CA ASP C 69 23.43 5.34 15.07
C ASP C 69 24.96 5.33 15.07
N GLN C 70 25.51 4.15 15.28
CA GLN C 70 26.95 3.91 15.27
C GLN C 70 27.08 2.47 14.76
N LEU C 71 26.76 2.32 13.48
CA LEU C 71 26.75 1.04 12.78
C LEU C 71 28.08 0.29 12.78
N LEU C 72 28.01 -1.00 13.10
CA LEU C 72 29.19 -1.85 13.15
C LEU C 72 29.13 -2.92 12.05
N PRO C 73 30.21 -3.06 11.26
CA PRO C 73 30.24 -4.06 10.20
C PRO C 73 30.30 -5.47 10.80
N VAL C 74 29.88 -6.47 10.02
CA VAL C 74 29.91 -7.85 10.47
C VAL C 74 30.98 -8.57 9.64
N SER C 75 31.66 -9.53 10.26
CA SER C 75 32.71 -10.27 9.60
C SER C 75 32.29 -11.67 9.13
N ARG C 76 31.33 -12.28 9.81
CA ARG C 76 30.84 -13.61 9.45
C ARG C 76 29.39 -13.82 9.84
N ILE C 77 28.62 -14.44 8.97
CA ILE C 77 27.24 -14.76 9.27
C ILE C 77 27.21 -16.28 9.36
N ILE C 78 27.03 -16.80 10.58
CA ILE C 78 26.99 -18.24 10.82
C ILE C 78 25.57 -18.71 11.14
N VAL C 79 24.95 -19.41 10.20
CA VAL C 79 23.61 -19.93 10.39
C VAL C 79 23.67 -21.42 10.63
N HIS C 80 22.87 -21.89 11.59
CA HIS C 80 22.84 -23.31 11.90
C HIS C 80 22.49 -24.04 10.59
N PRO C 81 23.32 -24.99 10.17
CA PRO C 81 23.10 -25.74 8.94
C PRO C 81 21.84 -26.61 8.98
N GLN C 82 21.27 -26.73 10.17
CA GLN C 82 20.06 -27.51 10.38
C GLN C 82 18.85 -26.70 9.92
N PHE C 83 19.01 -25.39 9.93
CA PHE C 83 17.92 -24.48 9.59
C PHE C 83 17.43 -24.31 8.15
N TYR C 84 16.11 -24.30 8.01
CA TYR C 84 15.48 -24.04 6.74
C TYR C 84 14.26 -23.15 6.98
N THR C 85 13.46 -23.47 8.01
CA THR C 85 12.29 -22.67 8.37
C THR C 85 12.12 -22.71 9.88
N ALA C 86 11.58 -21.63 10.44
CA ALA C 86 11.37 -21.52 11.87
C ALA C 86 10.42 -22.59 12.43
N GLN C 87 9.50 -23.06 11.60
CA GLN C 87 8.58 -24.10 12.04
C GLN C 87 9.32 -25.43 12.17
N ILE C 88 10.27 -25.66 11.27
CA ILE C 88 11.06 -26.89 11.31
C ILE C 88 12.02 -26.86 12.49
N GLY C 89 12.63 -25.71 12.77
CA GLY C 89 13.53 -25.61 13.91
C GLY C 89 14.94 -25.12 13.63
N ALA C 90 15.78 -25.19 14.65
CA ALA C 90 17.18 -24.74 14.56
C ALA C 90 17.24 -23.29 14.07
N ASP C 91 16.28 -22.48 14.51
CA ASP C 91 16.21 -21.08 14.11
C ASP C 91 17.19 -20.27 14.95
N ILE C 92 18.45 -20.32 14.58
CA ILE C 92 19.45 -19.61 15.37
C ILE C 92 20.67 -19.32 14.52
N ALA C 93 21.32 -18.20 14.80
CA ALA C 93 22.49 -17.82 14.04
C ALA C 93 23.40 -16.96 14.87
N LEU C 94 24.63 -16.86 14.40
CA LEU C 94 25.65 -16.08 15.08
C LEU C 94 26.25 -15.09 14.11
N LEU C 95 26.52 -13.89 14.62
CA LEU C 95 27.14 -12.83 13.84
C LEU C 95 28.49 -12.48 14.50
N GLU C 96 29.54 -12.44 13.69
CA GLU C 96 30.85 -12.10 14.22
C GLU C 96 31.20 -10.68 13.79
N LEU C 97 31.34 -9.80 14.76
CA LEU C 97 31.66 -8.41 14.48
C LEU C 97 33.11 -8.30 14.02
N GLU C 98 33.42 -7.25 13.28
CA GLU C 98 34.77 -7.04 12.78
C GLU C 98 35.72 -6.71 13.93
N GLU C 99 35.15 -6.15 14.99
CA GLU C 99 35.96 -5.75 16.14
C GLU C 99 35.18 -5.99 17.42
N PRO C 100 35.89 -6.28 18.50
CA PRO C 100 35.23 -6.51 19.79
C PRO C 100 34.79 -5.15 20.33
N VAL C 101 33.54 -5.07 20.80
CA VAL C 101 33.06 -3.81 21.33
C VAL C 101 33.68 -3.59 22.70
N LYS C 102 33.70 -2.34 23.14
CA LYS C 102 34.27 -1.98 24.44
C LYS C 102 33.20 -2.04 25.52
N VAL C 103 33.10 -3.20 26.17
CA VAL C 103 32.13 -3.42 27.23
C VAL C 103 32.02 -2.28 28.23
N SER C 104 30.78 -1.91 28.56
CA SER C 104 30.52 -0.84 29.53
C SER C 104 29.25 -1.17 30.31
N SER C 105 29.01 -0.42 31.38
CA SER C 105 27.83 -0.66 32.19
C SER C 105 26.54 -0.43 31.42
N HIS C 106 26.60 0.45 30.43
CA HIS C 106 25.41 0.74 29.63
C HIS C 106 25.22 -0.31 28.54
N VAL C 107 26.31 -0.73 27.91
CA VAL C 107 26.22 -1.73 26.87
C VAL C 107 27.24 -2.85 27.06
N HIS C 108 26.76 -4.04 27.40
CA HIS C 108 27.62 -5.20 27.57
C HIS C 108 26.83 -6.48 27.29
N THR C 109 27.54 -7.61 27.27
CA THR C 109 26.98 -8.93 26.97
C THR C 109 25.97 -9.51 27.95
N VAL C 110 25.11 -10.39 27.43
CA VAL C 110 24.12 -11.08 28.25
C VAL C 110 24.75 -12.45 28.52
N THR C 111 24.35 -13.07 29.62
CA THR C 111 24.91 -14.36 29.97
C THR C 111 24.09 -15.53 29.43
N LEU C 112 24.77 -16.49 28.83
CA LEU C 112 24.13 -17.68 28.29
C LEU C 112 23.78 -18.54 29.49
N PRO C 113 22.71 -19.34 29.41
CA PRO C 113 22.39 -20.16 30.56
C PRO C 113 23.22 -21.44 30.54
N PRO C 114 23.39 -22.08 31.70
CA PRO C 114 24.19 -23.31 31.74
C PRO C 114 23.37 -24.41 31.06
N ALA C 115 24.05 -25.38 30.48
CA ALA C 115 23.39 -26.49 29.79
C ALA C 115 22.35 -27.22 30.64
N SER C 116 22.34 -26.96 31.94
CA SER C 116 21.39 -27.60 32.84
C SER C 116 20.16 -26.74 33.14
N GLU C 117 20.28 -25.43 32.94
CA GLU C 117 19.17 -24.53 33.23
C GLU C 117 17.88 -25.02 32.59
N THR C 118 16.80 -24.95 33.36
CA THR C 118 15.51 -25.41 32.88
C THR C 118 14.49 -24.31 32.61
N PHE C 119 14.49 -23.26 33.42
CA PHE C 119 13.53 -22.16 33.25
C PHE C 119 12.12 -22.73 33.41
N PRO C 120 11.67 -22.91 34.66
CA PRO C 120 10.35 -23.45 34.94
C PRO C 120 9.18 -22.62 34.42
N PRO C 121 8.12 -23.29 33.92
CA PRO C 121 6.97 -22.55 33.41
C PRO C 121 6.30 -21.70 34.50
N GLY C 122 5.98 -20.46 34.15
CA GLY C 122 5.37 -19.54 35.09
C GLY C 122 6.36 -18.45 35.41
N MET C 123 7.65 -18.82 35.41
CA MET C 123 8.73 -17.89 35.73
C MET C 123 8.64 -16.59 34.94
N PRO C 124 8.93 -15.47 35.61
CA PRO C 124 8.90 -14.15 34.97
C PRO C 124 10.12 -13.94 34.09
N CYS C 125 9.90 -13.70 32.81
CA CYS C 125 11.00 -13.45 31.88
C CYS C 125 10.63 -12.20 31.10
N TRP C 126 11.59 -11.63 30.40
CA TRP C 126 11.34 -10.43 29.63
C TRP C 126 11.81 -10.54 28.19
N VAL C 127 11.06 -9.94 27.29
CA VAL C 127 11.43 -9.92 25.89
C VAL C 127 11.51 -8.43 25.49
N THR C 128 12.51 -8.08 24.70
CA THR C 128 12.69 -6.70 24.31
C THR C 128 12.94 -6.48 22.83
N GLY C 129 12.62 -5.29 22.33
CA GLY C 129 12.85 -4.99 20.93
C GLY C 129 12.17 -3.76 20.40
N TRP C 130 12.36 -3.54 19.09
CA TRP C 130 11.78 -2.40 18.40
C TRP C 130 10.71 -2.86 17.43
N GLY C 131 10.17 -4.04 17.65
CA GLY C 131 9.14 -4.53 16.76
C GLY C 131 7.79 -3.84 16.91
N ASP C 132 6.84 -4.26 16.08
CA ASP C 132 5.50 -3.69 16.10
C ASP C 132 4.86 -3.77 17.48
N VAL C 133 4.02 -2.79 17.79
CA VAL C 133 3.36 -2.72 19.08
C VAL C 133 2.07 -3.52 19.07
N ASP C 134 1.75 -4.06 17.91
CA ASP C 134 0.55 -4.88 17.74
C ASP C 134 0.45 -5.32 16.30
N ASN C 135 -0.43 -6.28 16.04
CA ASN C 135 -0.62 -6.81 14.69
C ASN C 135 -0.76 -5.68 13.67
N ASP C 136 0.18 -5.62 12.75
CA ASP C 136 0.21 -4.60 11.69
C ASP C 136 0.22 -3.19 12.26
N GLU C 137 0.82 -3.03 13.43
CA GLU C 137 0.90 -1.73 14.08
C GLU C 137 2.37 -1.40 14.35
N ARG C 138 2.97 -0.64 13.45
CA ARG C 138 4.37 -0.25 13.56
C ARG C 138 4.72 0.51 14.85
N LEU C 139 5.96 0.39 15.28
CA LEU C 139 6.39 1.11 16.48
C LEU C 139 6.53 2.55 16.00
N PRO C 140 5.76 3.47 16.58
CA PRO C 140 5.82 4.88 16.17
C PRO C 140 7.14 5.58 16.51
N PRO C 141 7.52 6.59 15.72
CA PRO C 141 8.76 7.33 15.99
C PRO C 141 8.50 7.96 17.35
N PRO C 142 9.54 8.29 18.13
CA PRO C 142 10.98 8.13 17.87
C PRO C 142 11.52 6.71 18.04
N PHE C 143 10.65 5.71 17.93
CA PHE C 143 11.10 4.31 18.01
C PHE C 143 11.81 3.90 19.29
N PRO C 144 11.09 3.92 20.42
CA PRO C 144 11.77 3.53 21.67
C PRO C 144 11.90 2.01 21.80
N LEU C 145 12.96 1.58 22.49
CA LEU C 145 13.15 0.16 22.73
C LEU C 145 12.12 -0.24 23.77
N LYS C 146 11.30 -1.24 23.47
CA LYS C 146 10.27 -1.68 24.40
C LYS C 146 10.61 -2.98 25.12
N GLN C 147 9.85 -3.27 26.17
CA GLN C 147 10.04 -4.47 26.98
C GLN C 147 8.67 -4.91 27.45
N VAL C 148 8.56 -6.17 27.84
CA VAL C 148 7.31 -6.69 28.34
C VAL C 148 7.57 -8.00 29.06
N LYS C 149 6.94 -8.18 30.22
CA LYS C 149 7.12 -9.39 31.00
C LYS C 149 6.19 -10.48 30.51
N VAL C 150 6.77 -11.58 30.02
CA VAL C 150 5.98 -12.69 29.51
C VAL C 150 6.27 -13.95 30.31
N PRO C 151 5.23 -14.75 30.58
CA PRO C 151 5.49 -15.97 31.35
C PRO C 151 5.87 -17.17 30.47
N ILE C 152 6.93 -17.87 30.86
CA ILE C 152 7.33 -19.05 30.11
C ILE C 152 6.20 -20.05 30.29
N MET C 153 6.02 -20.93 29.32
CA MET C 153 4.98 -21.93 29.40
C MET C 153 5.51 -23.26 28.92
N GLU C 154 5.27 -24.32 29.68
CA GLU C 154 5.76 -25.65 29.32
C GLU C 154 5.51 -26.01 27.85
N ASN C 155 6.53 -26.57 27.21
CA ASN C 155 6.45 -26.95 25.81
C ASN C 155 5.19 -27.71 25.42
N HIS C 156 4.82 -28.72 26.20
CA HIS C 156 3.63 -29.51 25.88
C HIS C 156 2.34 -28.69 25.96
N ILE C 157 2.29 -27.72 26.87
CA ILE C 157 1.10 -26.88 27.00
C ILE C 157 0.94 -26.00 25.77
N CYS C 158 2.05 -25.44 25.31
CA CYS C 158 2.01 -24.58 24.14
C CYS C 158 1.71 -25.38 22.89
N ASP C 159 2.39 -26.52 22.75
CA ASP C 159 2.19 -27.37 21.60
C ASP C 159 0.71 -27.71 21.55
N ALA C 160 0.13 -27.96 22.72
CA ALA C 160 -1.29 -28.28 22.81
C ALA C 160 -2.13 -27.08 22.39
N LYS C 161 -1.82 -25.92 22.93
CA LYS C 161 -2.57 -24.71 22.60
C LYS C 161 -2.59 -24.44 21.10
N TYR C 162 -1.46 -24.72 20.44
CA TYR C 162 -1.37 -24.53 19.00
C TYR C 162 -2.28 -25.51 18.23
N HIS C 163 -2.69 -26.60 18.86
CA HIS C 163 -3.58 -27.56 18.18
C HIS C 163 -5.04 -27.13 18.30
N LEU C 164 -5.32 -26.32 19.32
CA LEU C 164 -6.67 -25.83 19.55
C LEU C 164 -7.08 -24.91 18.41
N GLY C 165 -8.13 -25.30 17.70
CA GLY C 165 -8.60 -24.50 16.58
C GLY C 165 -7.79 -24.72 15.33
N ALA C 166 -7.17 -25.89 15.22
CA ALA C 166 -6.35 -26.23 14.05
C ALA C 166 -6.63 -27.67 13.59
N TYR C 167 -6.24 -27.98 12.37
CA TYR C 167 -6.47 -29.30 11.79
C TYR C 167 -5.38 -30.33 12.08
N THR C 168 -4.18 -29.89 12.43
CA THR C 168 -3.06 -30.79 12.70
C THR C 168 -3.41 -31.81 13.76
N GLY C 169 -3.04 -33.07 13.53
CA GLY C 169 -3.33 -34.09 14.51
C GLY C 169 -2.65 -33.77 15.82
N ASP C 170 -3.33 -34.01 16.94
CA ASP C 170 -2.73 -33.73 18.25
C ASP C 170 -1.39 -34.45 18.43
N ASP C 171 -1.24 -35.61 17.80
CA ASP C 171 0.00 -36.39 17.90
C ASP C 171 1.14 -35.77 17.09
N VAL C 172 0.81 -34.81 16.21
CA VAL C 172 1.83 -34.17 15.41
C VAL C 172 2.38 -32.96 16.14
N ARG C 173 3.68 -32.97 16.37
CA ARG C 173 4.34 -31.89 17.07
C ARG C 173 4.41 -30.60 16.25
N ILE C 174 4.02 -29.49 16.86
CA ILE C 174 4.05 -28.19 16.19
C ILE C 174 5.14 -27.36 16.88
N VAL C 175 5.08 -27.34 18.21
CA VAL C 175 6.08 -26.63 19.01
C VAL C 175 7.09 -27.72 19.37
N ARG C 176 8.19 -27.77 18.63
CA ARG C 176 9.20 -28.79 18.84
C ARG C 176 10.03 -28.66 20.10
N ASP C 177 10.90 -29.65 20.33
CA ASP C 177 11.77 -29.71 21.50
C ASP C 177 12.91 -28.71 21.55
N ASP C 178 13.35 -28.22 20.39
CA ASP C 178 14.44 -27.25 20.38
C ASP C 178 13.84 -25.86 20.45
N MET C 179 12.55 -25.81 20.79
CA MET C 179 11.85 -24.53 20.91
C MET C 179 11.44 -24.28 22.34
N LEU C 180 11.08 -23.04 22.63
CA LEU C 180 10.68 -22.62 23.95
C LEU C 180 9.45 -21.74 23.75
N CYS C 181 8.64 -21.61 24.77
CA CYS C 181 7.41 -20.84 24.60
C CYS C 181 7.06 -19.88 25.73
N ALA C 182 6.71 -18.65 25.37
CA ALA C 182 6.37 -17.63 26.37
C ALA C 182 5.36 -16.60 25.88
N GLY C 183 4.68 -15.94 26.83
CA GLY C 183 3.71 -14.92 26.48
C GLY C 183 2.27 -15.30 26.71
N ASN C 184 1.38 -14.34 26.54
CA ASN C 184 -0.05 -14.59 26.71
C ASN C 184 -0.86 -13.70 25.78
N THR C 185 -2.17 -13.64 26.01
CA THR C 185 -3.06 -12.86 25.17
C THR C 185 -2.87 -11.36 25.23
N ARG C 186 -2.08 -10.87 26.18
CA ARG C 186 -1.85 -9.43 26.32
C ARG C 186 -0.38 -9.05 26.23
N ARG C 187 0.51 -10.03 26.32
CA ARG C 187 1.94 -9.78 26.25
C ARG C 187 2.65 -10.71 25.28
N ASP C 188 3.57 -10.16 24.49
CA ASP C 188 4.25 -10.99 23.51
C ASP C 188 5.17 -10.14 22.63
N SER C 189 6.05 -10.82 21.90
CA SER C 189 6.96 -10.17 20.97
C SER C 189 6.16 -10.06 19.67
N CYS C 190 6.63 -9.28 18.71
CA CYS C 190 5.86 -9.11 17.47
C CYS C 190 6.79 -8.98 16.27
N GLN C 191 6.23 -8.89 15.05
CA GLN C 191 7.08 -8.75 13.86
C GLN C 191 8.04 -7.61 14.13
N GLY C 192 9.33 -7.84 13.87
CA GLY C 192 10.32 -6.82 14.12
C GLY C 192 11.17 -7.15 15.34
N ASP C 193 10.64 -7.98 16.24
CA ASP C 193 11.37 -8.37 17.45
C ASP C 193 12.17 -9.64 17.19
N SER C 194 11.92 -10.26 16.05
CA SER C 194 12.60 -11.48 15.65
C SER C 194 14.09 -11.41 15.95
N GLY C 195 14.66 -12.55 16.35
CA GLY C 195 16.07 -12.61 16.67
C GLY C 195 16.41 -11.93 17.98
N GLY C 196 15.45 -11.19 18.53
CA GLY C 196 15.67 -10.50 19.80
C GLY C 196 15.78 -11.48 20.94
N PRO C 197 16.19 -11.05 22.13
CA PRO C 197 16.34 -11.93 23.28
C PRO C 197 15.17 -12.05 24.26
N LEU C 198 15.07 -13.23 24.84
CA LEU C 198 14.07 -13.54 25.87
C LEU C 198 14.99 -13.83 27.03
N VAL C 199 14.98 -12.98 28.04
CA VAL C 199 15.86 -13.16 29.19
C VAL C 199 15.11 -13.35 30.50
N CYS C 200 15.65 -14.20 31.36
CA CYS C 200 15.05 -14.46 32.66
C CYS C 200 16.11 -14.28 33.74
N LYS C 201 15.67 -13.86 34.92
CA LYS C 201 16.56 -13.64 36.06
C LYS C 201 16.49 -14.82 37.02
N VAL C 202 17.60 -15.56 37.16
CA VAL C 202 17.62 -16.73 38.04
C VAL C 202 18.38 -16.50 39.37
N ASN C 203 19.67 -16.80 39.39
CA ASN C 203 20.48 -16.58 40.60
C ASN C 203 20.93 -15.13 40.61
N GLY C 204 19.97 -14.20 40.67
CA GLY C 204 20.30 -12.80 40.64
C GLY C 204 21.15 -12.52 39.40
N THR C 205 20.87 -13.25 38.32
CA THR C 205 21.61 -13.09 37.08
C THR C 205 20.73 -13.31 35.84
N TRP C 206 20.83 -12.39 34.88
CA TRP C 206 20.05 -12.46 33.65
C TRP C 206 20.63 -13.48 32.68
N LEU C 207 19.83 -14.49 32.35
CA LEU C 207 20.27 -15.52 31.39
C LEU C 207 19.33 -15.50 30.19
N GLN C 208 19.88 -15.63 28.99
CA GLN C 208 19.04 -15.64 27.81
C GLN C 208 18.46 -17.03 27.59
N ALA C 209 17.16 -17.17 27.78
CA ALA C 209 16.49 -18.45 27.61
C ALA C 209 16.03 -18.70 26.18
N GLY C 210 15.76 -17.63 25.43
CA GLY C 210 15.30 -17.83 24.07
C GLY C 210 15.61 -16.72 23.09
N VAL C 211 15.33 -17.01 21.82
CA VAL C 211 15.50 -16.05 20.73
C VAL C 211 14.18 -16.01 19.99
N VAL C 212 13.57 -14.82 19.88
CA VAL C 212 12.29 -14.69 19.20
C VAL C 212 12.36 -15.38 17.84
N SER C 213 11.49 -16.38 17.63
CA SER C 213 11.47 -17.13 16.38
C SER C 213 10.24 -16.99 15.49
N TRP C 214 9.10 -17.52 15.93
CA TRP C 214 7.89 -17.44 15.13
C TRP C 214 6.64 -17.55 15.98
N GLY C 215 5.49 -17.56 15.31
CA GLY C 215 4.22 -17.65 16.02
C GLY C 215 3.09 -17.35 15.07
N GLU C 216 1.89 -17.13 15.60
CA GLU C 216 0.73 -16.82 14.77
C GLU C 216 0.05 -15.54 15.24
N GLY C 217 0.57 -14.40 14.81
CA GLY C 217 -0.04 -13.16 15.24
C GLY C 217 0.53 -12.76 16.58
N CYS C 218 0.45 -11.48 16.90
CA CYS C 218 0.98 -10.97 18.15
C CYS C 218 -0.05 -10.98 19.27
N ALA C 219 0.29 -11.68 20.35
CA ALA C 219 -0.57 -11.79 21.52
C ALA C 219 -1.92 -12.45 21.24
N GLN C 220 -1.93 -13.45 20.36
CA GLN C 220 -3.16 -14.15 20.02
C GLN C 220 -3.47 -15.35 20.92
N PRO C 221 -4.74 -15.51 21.28
CA PRO C 221 -5.26 -16.58 22.13
C PRO C 221 -4.82 -17.95 21.64
N ASN C 222 -4.34 -18.79 22.56
CA ASN C 222 -3.88 -20.13 22.23
C ASN C 222 -2.76 -20.19 21.20
N ARG C 223 -2.08 -19.07 20.98
CA ARG C 223 -0.96 -19.05 20.04
C ARG C 223 0.18 -18.25 20.66
N PRO C 224 0.74 -18.74 21.78
CA PRO C 224 1.86 -18.06 22.47
C PRO C 224 3.11 -17.97 21.62
N GLY C 225 3.95 -16.98 21.93
CA GLY C 225 5.16 -16.80 21.17
C GLY C 225 6.12 -17.97 21.23
N ILE C 226 6.70 -18.35 20.09
CA ILE C 226 7.65 -19.44 20.06
C ILE C 226 9.05 -18.88 19.93
N TYR C 227 9.93 -19.35 20.82
CA TYR C 227 11.31 -18.90 20.82
C TYR C 227 12.24 -20.07 20.60
N THR C 228 13.41 -19.82 20.02
CA THR C 228 14.38 -20.88 19.81
C THR C 228 14.95 -21.11 21.21
N ARG C 229 14.98 -22.36 21.65
CA ARG C 229 15.50 -22.67 22.98
C ARG C 229 17.02 -22.60 22.96
N VAL C 230 17.57 -21.68 23.76
CA VAL C 230 19.03 -21.49 23.80
C VAL C 230 19.81 -22.66 24.39
N THR C 231 19.36 -23.23 25.50
CA THR C 231 20.09 -24.35 26.08
C THR C 231 20.31 -25.48 25.06
N TYR C 232 19.29 -25.74 24.24
CA TYR C 232 19.37 -26.81 23.25
C TYR C 232 20.54 -26.65 22.28
N TYR C 233 20.96 -25.41 22.01
CA TYR C 233 22.05 -25.21 21.07
C TYR C 233 23.37 -24.68 21.63
N LEU C 234 23.57 -24.81 22.94
CA LEU C 234 24.81 -24.32 23.54
C LEU C 234 26.05 -24.88 22.86
N ASP C 235 26.07 -26.19 22.60
CA ASP C 235 27.24 -26.80 21.99
C ASP C 235 27.60 -26.20 20.63
N TRP C 236 26.60 -25.91 19.82
CA TRP C 236 26.83 -25.33 18.50
C TRP C 236 27.37 -23.91 18.66
N ILE C 237 26.81 -23.19 19.62
CA ILE C 237 27.22 -21.82 19.90
C ILE C 237 28.66 -21.82 20.39
N HIS C 238 28.99 -22.80 21.23
CA HIS C 238 30.35 -22.85 21.76
C HIS C 238 31.40 -23.37 20.79
N HIS C 239 30.98 -23.74 19.58
CA HIS C 239 31.92 -24.21 18.57
C HIS C 239 32.55 -22.96 17.97
N TYR C 240 31.93 -21.80 18.24
CA TYR C 240 32.41 -20.52 17.70
C TYR C 240 32.66 -19.47 18.78
N VAL C 241 31.69 -19.30 19.67
CA VAL C 241 31.81 -18.31 20.72
C VAL C 241 32.56 -18.82 21.93
N PRO C 242 33.75 -18.25 22.20
CA PRO C 242 34.58 -18.63 23.33
C PRO C 242 33.80 -18.62 24.65
N LYS C 243 34.02 -19.64 25.48
CA LYS C 243 33.34 -19.75 26.77
C LYS C 243 33.90 -18.73 27.76
N ILE D 1 12.49 18.21 1.23
CA ILE D 1 13.49 19.10 0.56
C ILE D 1 14.38 18.28 -0.37
N VAL D 2 14.39 18.67 -1.65
CA VAL D 2 15.20 17.98 -2.64
C VAL D 2 16.52 18.71 -2.87
N GLY D 3 17.59 17.91 -2.92
CA GLY D 3 18.93 18.43 -3.16
C GLY D 3 19.55 19.35 -2.12
N GLY D 4 19.27 19.12 -0.85
CA GLY D 4 19.87 19.98 0.15
C GLY D 4 20.72 19.18 1.11
N GLN D 5 21.01 19.75 2.27
CA GLN D 5 21.78 19.02 3.27
C GLN D 5 21.13 19.24 4.61
N GLU D 6 21.54 18.47 5.62
CA GLU D 6 20.97 18.63 6.94
C GLU D 6 21.34 20.05 7.38
N ALA D 7 20.40 20.75 7.99
CA ALA D 7 20.65 22.14 8.40
C ALA D 7 21.45 22.23 9.69
N PRO D 8 22.37 23.20 9.78
CA PRO D 8 23.14 23.31 11.03
C PRO D 8 22.15 23.59 12.16
N ARG D 9 22.46 23.11 13.36
CA ARG D 9 21.63 23.28 14.53
C ARG D 9 21.30 24.74 14.85
N SER D 10 22.17 25.65 14.45
CA SER D 10 21.99 27.08 14.71
C SER D 10 21.23 27.83 13.60
N LYS D 11 20.73 27.11 12.60
CA LYS D 11 20.01 27.75 11.51
C LYS D 11 18.51 27.48 11.57
N TRP D 12 17.75 28.43 11.04
CA TRP D 12 16.29 28.33 10.96
C TRP D 12 15.60 28.13 12.31
N PRO D 13 15.88 29.02 13.27
CA PRO D 13 15.30 28.94 14.61
C PRO D 13 13.78 29.14 14.61
N TRP D 14 13.24 29.53 13.46
CA TRP D 14 11.80 29.75 13.33
C TRP D 14 11.05 28.58 12.72
N GLN D 15 11.78 27.56 12.24
CA GLN D 15 11.13 26.40 11.64
C GLN D 15 10.21 25.73 12.63
N VAL D 16 9.02 25.38 12.15
CA VAL D 16 8.01 24.73 12.96
C VAL D 16 7.51 23.50 12.22
N SER D 17 7.02 22.53 12.99
CA SER D 17 6.48 21.31 12.43
C SER D 17 5.05 21.14 12.92
N LEU D 18 4.12 20.97 11.99
CA LEU D 18 2.72 20.79 12.35
C LEU D 18 2.45 19.30 12.54
N ARG D 19 1.68 18.96 13.57
CA ARG D 19 1.36 17.55 13.85
C ARG D 19 -0.14 17.29 13.96
N VAL D 20 -0.55 16.15 13.40
CA VAL D 20 -1.93 15.72 13.42
C VAL D 20 -2.06 14.48 14.29
N HIS D 21 -3.09 14.45 15.11
CA HIS D 21 -3.33 13.35 16.02
C HIS D 21 -3.70 12.06 15.29
N GLY D 22 -3.11 10.96 15.75
CA GLY D 22 -3.36 9.66 15.17
C GLY D 22 -2.58 8.64 15.98
N PRO D 23 -2.08 7.56 15.35
CA PRO D 23 -1.31 6.56 16.09
C PRO D 23 -0.28 7.32 16.93
N TYR D 24 0.30 8.36 16.32
CA TYR D 24 1.26 9.22 16.99
C TYR D 24 1.14 10.60 16.36
N TRP D 25 1.63 11.63 17.03
CA TRP D 25 1.56 12.99 16.51
C TRP D 25 2.46 13.17 15.29
N MET D 26 1.94 12.73 14.15
CA MET D 26 2.66 12.78 12.89
C MET D 26 2.74 14.16 12.26
N HIS D 27 3.86 14.40 11.56
CA HIS D 27 4.12 15.66 10.88
C HIS D 27 3.47 15.62 9.50
N PHE D 28 2.72 16.66 9.16
CA PHE D 28 2.07 16.73 7.84
C PHE D 28 2.44 18.01 7.09
N CYS D 29 2.82 19.05 7.83
CA CYS D 29 3.20 20.33 7.23
C CYS D 29 4.17 21.14 8.08
N GLY D 30 4.87 22.06 7.41
CA GLY D 30 5.79 22.94 8.10
C GLY D 30 5.06 24.23 8.44
N GLY D 31 5.83 25.22 8.88
CA GLY D 31 5.28 26.51 9.26
C GLY D 31 6.39 27.33 9.86
N SER D 32 6.10 28.56 10.28
CA SER D 32 7.14 29.40 10.86
C SER D 32 6.63 30.24 12.03
N LEU D 33 7.49 30.47 13.01
CA LEU D 33 7.10 31.29 14.14
C LEU D 33 7.35 32.75 13.74
N ILE D 34 6.31 33.56 13.72
CA ILE D 34 6.46 34.97 13.36
C ILE D 34 6.19 35.88 14.55
N HIS D 35 5.78 35.29 15.67
CA HIS D 35 5.46 36.00 16.90
C HIS D 35 5.42 34.93 17.99
N PRO D 36 5.78 35.28 19.23
CA PRO D 36 5.76 34.30 20.32
C PRO D 36 4.45 33.52 20.44
N GLN D 37 3.36 34.06 19.90
CA GLN D 37 2.07 33.39 19.94
C GLN D 37 1.49 32.98 18.58
N TRP D 38 2.20 33.28 17.50
CA TRP D 38 1.67 32.97 16.17
C TRP D 38 2.57 32.22 15.21
N VAL D 39 1.95 31.32 14.46
CA VAL D 39 2.65 30.53 13.45
C VAL D 39 2.05 30.81 12.06
N LEU D 40 2.92 31.00 11.08
CA LEU D 40 2.49 31.24 9.72
C LEU D 40 2.66 29.93 8.94
N THR D 41 1.63 29.54 8.20
CA THR D 41 1.66 28.30 7.42
C THR D 41 0.78 28.45 6.16
N ALA D 42 0.63 27.38 5.40
CA ALA D 42 -0.19 27.42 4.20
C ALA D 42 -1.63 27.04 4.57
N ALA D 43 -2.59 27.72 3.97
CA ALA D 43 -3.99 27.42 4.26
C ALA D 43 -4.39 26.01 3.84
N HIS D 44 -3.79 25.48 2.77
CA HIS D 44 -4.17 24.14 2.34
C HIS D 44 -3.76 23.10 3.37
N CYS D 45 -2.82 23.46 4.25
CA CYS D 45 -2.39 22.53 5.29
C CYS D 45 -3.46 22.29 6.33
N VAL D 46 -4.31 23.30 6.56
CA VAL D 46 -5.36 23.21 7.55
C VAL D 46 -6.77 23.51 7.07
N GLY D 47 -6.91 23.80 5.78
CA GLY D 47 -8.22 24.10 5.22
C GLY D 47 -8.40 23.52 3.85
N PRO D 48 -9.42 23.93 3.09
CA PRO D 48 -10.42 24.96 3.43
C PRO D 48 -11.47 24.49 4.44
N ASP D 49 -11.51 23.21 4.71
CA ASP D 49 -12.49 22.70 5.66
C ASP D 49 -11.98 22.82 7.09
N VAL D 50 -12.88 23.16 8.00
CA VAL D 50 -12.54 23.32 9.41
C VAL D 50 -12.24 21.98 10.07
N LYS D 51 -11.07 21.86 10.69
CA LYS D 51 -10.68 20.63 11.37
C LYS D 51 -10.77 20.86 12.88
N ASP D 52 -10.75 19.76 13.64
CA ASP D 52 -10.80 19.85 15.11
C ASP D 52 -9.45 20.33 15.61
N LEU D 53 -9.44 21.44 16.33
CA LEU D 53 -8.20 21.98 16.87
C LEU D 53 -7.51 21.02 17.84
N ALA D 54 -8.29 20.24 18.58
CA ALA D 54 -7.74 19.28 19.53
C ALA D 54 -6.80 18.29 18.84
N ALA D 55 -7.09 17.97 17.58
CA ALA D 55 -6.27 17.04 16.83
C ALA D 55 -5.02 17.68 16.22
N LEU D 56 -4.73 18.92 16.58
CA LEU D 56 -3.58 19.63 16.04
C LEU D 56 -2.62 20.17 17.10
N ARG D 57 -1.32 19.99 16.87
CA ARG D 57 -0.30 20.48 17.78
C ARG D 57 0.86 21.02 16.97
N VAL D 58 1.68 21.85 17.61
CA VAL D 58 2.83 22.45 16.95
C VAL D 58 4.14 22.07 17.65
N GLN D 59 5.17 21.81 16.87
CA GLN D 59 6.49 21.46 17.40
C GLN D 59 7.48 22.52 16.95
N LEU D 60 8.15 23.18 17.90
CA LEU D 60 9.13 24.22 17.55
C LEU D 60 10.41 23.55 17.05
N ARG D 61 11.35 24.36 16.58
CA ARG D 61 12.63 23.89 16.04
C ARG D 61 13.14 22.58 16.64
N GLU D 62 13.25 21.56 15.80
CA GLU D 62 13.75 20.24 16.20
C GLU D 62 14.78 19.80 15.16
N GLN D 63 15.98 19.42 15.59
CA GLN D 63 16.99 18.96 14.63
C GLN D 63 16.50 17.71 13.93
N HIS D 64 15.88 16.83 14.71
CA HIS D 64 15.35 15.57 14.20
C HIS D 64 13.92 15.37 14.68
N LEU D 65 13.00 15.17 13.73
CA LEU D 65 11.60 14.98 14.08
C LEU D 65 11.32 13.86 15.07
N TYR D 66 10.40 14.13 15.99
CA TYR D 66 9.96 13.15 17.00
C TYR D 66 10.92 12.89 18.14
N TYR D 67 12.19 13.22 17.93
CA TYR D 67 13.20 13.00 18.96
C TYR D 67 12.94 13.79 20.25
N GLN D 68 12.98 15.11 20.16
CA GLN D 68 12.78 15.98 21.32
C GLN D 68 11.42 16.64 21.37
N ASP D 69 10.38 15.89 21.04
CA ASP D 69 9.02 16.44 21.01
C ASP D 69 8.55 17.13 22.29
N GLN D 70 7.91 18.27 22.11
CA GLN D 70 7.34 19.07 23.20
C GLN D 70 6.19 19.82 22.56
N LEU D 71 5.20 19.05 22.12
CA LEU D 71 4.03 19.58 21.45
C LEU D 71 3.33 20.76 22.14
N LEU D 72 2.86 21.71 21.36
CA LEU D 72 2.16 22.89 21.88
C LEU D 72 0.76 22.93 21.30
N PRO D 73 -0.26 23.04 22.16
CA PRO D 73 -1.64 23.11 21.71
C PRO D 73 -1.97 24.41 20.98
N VAL D 74 -2.97 24.36 20.11
CA VAL D 74 -3.38 25.53 19.33
C VAL D 74 -4.77 26.00 19.74
N SER D 75 -4.93 27.31 19.89
CA SER D 75 -6.24 27.84 20.25
C SER D 75 -7.02 28.37 19.05
N ARG D 76 -6.33 28.87 18.03
CA ARG D 76 -6.99 29.41 16.85
C ARG D 76 -6.36 29.09 15.52
N ILE D 77 -7.22 28.76 14.56
CA ILE D 77 -6.78 28.46 13.20
C ILE D 77 -7.49 29.51 12.35
N ILE D 78 -6.72 30.41 11.76
CA ILE D 78 -7.26 31.47 10.93
C ILE D 78 -6.77 31.32 9.50
N VAL D 79 -7.68 31.04 8.58
CA VAL D 79 -7.35 30.83 7.19
C VAL D 79 -7.84 31.99 6.37
N HIS D 80 -7.00 32.47 5.46
CA HIS D 80 -7.42 33.57 4.62
C HIS D 80 -8.79 33.24 4.07
N PRO D 81 -9.75 34.15 4.21
CA PRO D 81 -11.11 33.92 3.72
C PRO D 81 -11.26 33.73 2.21
N GLN D 82 -10.22 34.01 1.44
CA GLN D 82 -10.32 33.83 0.00
C GLN D 82 -9.73 32.52 -0.51
N PHE D 83 -9.20 31.71 0.40
CA PHE D 83 -8.60 30.44 0.01
C PHE D 83 -9.58 29.30 -0.17
N TYR D 84 -9.29 28.48 -1.18
CA TYR D 84 -10.04 27.27 -1.41
C TYR D 84 -9.09 26.20 -1.97
N THR D 85 -8.17 26.59 -2.85
CA THR D 85 -7.16 25.67 -3.39
C THR D 85 -5.88 26.44 -3.66
N ALA D 86 -4.74 25.77 -3.52
CA ALA D 86 -3.45 26.40 -3.74
C ALA D 86 -3.32 27.01 -5.13
N GLN D 87 -3.87 26.33 -6.14
CA GLN D 87 -3.80 26.83 -7.51
C GLN D 87 -4.46 28.19 -7.66
N ILE D 88 -5.63 28.35 -7.07
CA ILE D 88 -6.36 29.61 -7.14
C ILE D 88 -5.67 30.71 -6.32
N GLY D 89 -4.97 30.33 -5.26
CA GLY D 89 -4.25 31.31 -4.47
C GLY D 89 -4.69 31.55 -3.03
N ALA D 90 -4.10 32.57 -2.41
CA ALA D 90 -4.39 32.92 -1.02
C ALA D 90 -4.09 31.72 -0.13
N ASP D 91 -3.06 30.97 -0.47
CA ASP D 91 -2.70 29.81 0.33
C ASP D 91 -1.83 30.20 1.51
N ILE D 92 -2.48 30.81 2.51
CA ILE D 92 -1.80 31.27 3.70
C ILE D 92 -2.74 31.18 4.90
N ALA D 93 -2.17 30.90 6.07
CA ALA D 93 -2.95 30.78 7.30
C ALA D 93 -2.14 31.14 8.53
N LEU D 94 -2.85 31.35 9.64
CA LEU D 94 -2.23 31.70 10.90
C LEU D 94 -2.67 30.76 12.01
N LEU D 95 -1.74 30.46 12.91
CA LEU D 95 -2.06 29.59 14.04
C LEU D 95 -1.73 30.33 15.33
N GLU D 96 -2.72 30.47 16.21
CA GLU D 96 -2.47 31.11 17.49
C GLU D 96 -2.29 30.04 18.55
N LEU D 97 -1.10 30.00 19.14
CA LEU D 97 -0.79 29.02 20.18
C LEU D 97 -1.58 29.38 21.42
N GLU D 98 -1.81 28.40 22.29
CA GLU D 98 -2.54 28.64 23.52
C GLU D 98 -1.74 29.46 24.52
N GLU D 99 -0.42 29.41 24.42
CA GLU D 99 0.43 30.15 25.33
C GLU D 99 1.56 30.78 24.53
N PRO D 100 2.11 31.90 25.02
CA PRO D 100 3.21 32.56 24.31
C PRO D 100 4.42 31.64 24.46
N VAL D 101 5.33 31.66 23.51
CA VAL D 101 6.52 30.81 23.66
C VAL D 101 7.71 31.67 24.01
N LYS D 102 8.66 31.10 24.74
CA LYS D 102 9.85 31.82 25.14
C LYS D 102 10.85 31.76 24.01
N VAL D 103 11.31 32.92 23.55
CA VAL D 103 12.25 32.94 22.46
C VAL D 103 13.69 32.89 22.95
N SER D 104 14.56 32.35 22.11
CA SER D 104 15.96 32.24 22.45
C SER D 104 16.78 32.24 21.18
N SER D 105 18.09 32.20 21.34
CA SER D 105 19.02 32.18 20.22
C SER D 105 18.83 30.92 19.36
N HIS D 106 18.11 29.95 19.88
CA HIS D 106 17.90 28.71 19.15
C HIS D 106 16.46 28.53 18.67
N VAL D 107 15.55 29.34 19.19
CA VAL D 107 14.15 29.30 18.81
C VAL D 107 13.49 30.66 18.95
N HIS D 108 13.32 31.35 17.83
CA HIS D 108 12.68 32.65 17.84
C HIS D 108 12.00 32.93 16.50
N THR D 109 11.29 34.04 16.43
CA THR D 109 10.53 34.43 15.25
C THR D 109 11.34 34.89 14.03
N VAL D 110 10.73 34.70 12.86
CA VAL D 110 11.36 35.12 11.61
C VAL D 110 10.80 36.52 11.29
N THR D 111 11.60 37.35 10.64
CA THR D 111 11.17 38.71 10.30
C THR D 111 10.39 38.73 8.99
N LEU D 112 9.25 39.40 8.99
CA LEU D 112 8.44 39.50 7.78
C LEU D 112 9.02 40.63 6.95
N PRO D 113 8.82 40.57 5.62
CA PRO D 113 9.33 41.59 4.70
C PRO D 113 8.47 42.83 4.59
N PRO D 114 9.08 43.97 4.22
CA PRO D 114 8.36 45.23 4.06
C PRO D 114 7.45 45.06 2.84
N ALA D 115 6.30 45.71 2.84
CA ALA D 115 5.36 45.58 1.74
C ALA D 115 5.99 45.87 0.37
N SER D 116 7.09 46.61 0.37
CA SER D 116 7.76 46.97 -0.88
C SER D 116 8.75 45.93 -1.39
N GLU D 117 9.21 45.06 -0.51
CA GLU D 117 10.19 44.05 -0.90
C GLU D 117 9.75 43.19 -2.08
N THR D 118 10.60 43.16 -3.10
CA THR D 118 10.34 42.38 -4.31
C THR D 118 11.58 41.54 -4.60
N PHE D 119 11.70 40.43 -3.88
CA PHE D 119 12.82 39.50 -4.02
C PHE D 119 13.18 39.21 -5.47
N PRO D 120 14.05 40.05 -6.05
CA PRO D 120 14.48 39.93 -7.44
C PRO D 120 15.20 38.64 -7.79
N PRO D 121 14.99 38.16 -9.02
CA PRO D 121 15.65 36.93 -9.45
C PRO D 121 17.15 37.13 -9.29
N GLY D 122 17.77 36.29 -8.47
CA GLY D 122 19.18 36.41 -8.21
C GLY D 122 19.35 36.64 -6.73
N MET D 123 18.23 36.50 -6.02
CA MET D 123 18.19 36.67 -4.57
C MET D 123 18.58 35.36 -3.89
N PRO D 124 19.56 35.40 -2.99
CA PRO D 124 20.00 34.20 -2.27
C PRO D 124 18.93 33.82 -1.25
N CYS D 125 18.06 32.86 -1.60
CA CYS D 125 17.01 32.42 -0.69
C CYS D 125 17.14 30.92 -0.37
N TRP D 126 16.65 30.53 0.80
CA TRP D 126 16.69 29.14 1.22
C TRP D 126 15.30 28.67 1.64
N VAL D 127 15.03 27.38 1.43
CA VAL D 127 13.76 26.79 1.83
C VAL D 127 14.14 25.61 2.72
N THR D 128 13.37 25.37 3.76
CA THR D 128 13.66 24.31 4.72
C THR D 128 12.43 23.50 5.14
N GLY D 129 12.66 22.31 5.66
CA GLY D 129 11.57 21.47 6.10
C GLY D 129 11.96 20.01 6.28
N TRP D 130 10.99 19.19 6.69
CA TRP D 130 11.19 17.76 6.92
C TRP D 130 10.40 16.97 5.89
N GLY D 131 10.30 17.49 4.67
CA GLY D 131 9.55 16.80 3.64
C GLY D 131 10.39 15.81 2.86
N ASP D 132 9.77 15.14 1.90
CA ASP D 132 10.44 14.15 1.05
C ASP D 132 11.70 14.72 0.37
N VAL D 133 12.68 13.86 0.11
CA VAL D 133 13.91 14.30 -0.53
C VAL D 133 13.81 14.12 -2.05
N ASP D 134 12.65 13.67 -2.50
CA ASP D 134 12.39 13.48 -3.92
C ASP D 134 10.96 12.97 -4.14
N ASN D 135 10.54 12.96 -5.40
CA ASN D 135 9.21 12.47 -5.73
C ASN D 135 9.07 11.03 -5.27
N ASP D 136 8.19 10.82 -4.29
CA ASP D 136 7.91 9.50 -3.76
C ASP D 136 8.91 8.83 -2.83
N GLU D 137 9.83 9.59 -2.26
CA GLU D 137 10.77 9.00 -1.31
C GLU D 137 10.90 9.88 -0.09
N ARG D 138 10.36 9.36 1.01
CA ARG D 138 10.33 10.04 2.29
C ARG D 138 11.70 10.32 2.90
N LEU D 139 11.74 11.34 3.75
CA LEU D 139 12.96 11.69 4.47
C LEU D 139 13.13 10.50 5.39
N PRO D 140 14.27 9.79 5.30
CA PRO D 140 14.53 8.62 6.15
C PRO D 140 14.81 9.01 7.60
N PRO D 141 14.64 8.07 8.55
CA PRO D 141 14.92 8.41 9.95
C PRO D 141 16.42 8.68 10.00
N PRO D 142 16.91 9.43 11.01
CA PRO D 142 16.18 10.07 12.10
C PRO D 142 15.50 11.39 11.72
N PHE D 143 15.14 11.54 10.44
CA PHE D 143 14.42 12.73 9.97
C PHE D 143 15.04 14.07 10.33
N PRO D 144 16.21 14.39 9.77
CA PRO D 144 16.83 15.67 10.08
C PRO D 144 16.15 16.82 9.35
N LEU D 145 16.22 18.03 9.92
CA LEU D 145 15.65 19.20 9.26
C LEU D 145 16.61 19.48 8.12
N LYS D 146 16.08 19.66 6.92
CA LYS D 146 16.92 19.93 5.77
C LYS D 146 16.69 21.33 5.20
N GLN D 147 17.72 21.81 4.51
CA GLN D 147 17.69 23.13 3.88
C GLN D 147 18.23 22.98 2.47
N VAL D 148 17.92 23.93 1.62
CA VAL D 148 18.43 23.92 0.25
C VAL D 148 18.28 25.31 -0.31
N LYS D 149 19.33 25.79 -0.96
CA LYS D 149 19.29 27.12 -1.56
C LYS D 149 18.57 26.98 -2.88
N VAL D 150 17.70 27.92 -3.20
CA VAL D 150 16.97 27.84 -4.46
C VAL D 150 16.97 29.17 -5.21
N PRO D 151 17.09 29.11 -6.53
CA PRO D 151 17.11 30.30 -7.39
C PRO D 151 15.71 30.86 -7.57
N ILE D 152 15.55 32.16 -7.35
CA ILE D 152 14.26 32.80 -7.54
C ILE D 152 14.16 33.25 -8.98
N MET D 153 12.96 33.17 -9.54
CA MET D 153 12.76 33.58 -10.93
C MET D 153 11.53 34.47 -11.08
N GLU D 154 11.54 35.36 -12.06
CA GLU D 154 10.43 36.27 -12.31
C GLU D 154 9.13 35.49 -12.47
N ASN D 155 8.04 35.99 -11.89
CA ASN D 155 6.76 35.30 -11.99
C ASN D 155 6.43 34.96 -13.46
N HIS D 156 6.53 35.93 -14.35
CA HIS D 156 6.19 35.67 -15.75
C HIS D 156 7.02 34.58 -16.40
N ILE D 157 8.26 34.40 -15.97
CA ILE D 157 9.11 33.37 -16.54
C ILE D 157 8.62 31.99 -16.12
N CYS D 158 8.24 31.85 -14.85
CA CYS D 158 7.73 30.58 -14.35
C CYS D 158 6.36 30.30 -14.95
N ASP D 159 5.57 31.34 -15.14
CA ASP D 159 4.24 31.15 -15.69
C ASP D 159 4.31 30.58 -17.09
N ALA D 160 5.23 31.11 -17.89
CA ALA D 160 5.41 30.64 -19.25
C ALA D 160 5.89 29.19 -19.22
N LYS D 161 6.78 28.88 -18.27
CA LYS D 161 7.29 27.51 -18.16
C LYS D 161 6.15 26.55 -17.86
N TYR D 162 5.18 27.00 -17.06
CA TYR D 162 4.06 26.14 -16.73
C TYR D 162 3.15 25.89 -17.91
N HIS D 163 3.16 26.80 -18.89
CA HIS D 163 2.34 26.61 -20.07
C HIS D 163 3.01 25.68 -21.08
N LEU D 164 4.31 25.42 -20.88
CA LEU D 164 5.04 24.54 -21.78
C LEU D 164 4.65 23.09 -21.47
N GLY D 165 4.14 22.39 -22.48
CA GLY D 165 3.74 21.00 -22.27
C GLY D 165 2.38 20.89 -21.62
N ALA D 166 1.57 21.93 -21.79
CA ALA D 166 0.23 21.94 -21.25
C ALA D 166 -0.73 22.45 -22.32
N TYR D 167 -2.02 22.15 -22.15
CA TYR D 167 -3.03 22.57 -23.11
C TYR D 167 -3.56 23.94 -22.70
N THR D 168 -3.23 24.35 -21.48
CA THR D 168 -3.69 25.62 -20.96
C THR D 168 -3.27 26.77 -21.86
N GLY D 169 -4.23 27.61 -22.23
CA GLY D 169 -3.98 28.76 -23.08
C GLY D 169 -2.95 29.71 -22.48
N ASP D 170 -2.04 30.17 -23.33
CA ASP D 170 -0.99 31.09 -22.91
C ASP D 170 -1.46 32.31 -22.14
N ASP D 171 -2.67 32.78 -22.40
CA ASP D 171 -3.15 33.98 -21.71
C ASP D 171 -3.89 33.70 -20.42
N VAL D 172 -3.98 32.42 -20.04
CA VAL D 172 -4.64 32.05 -18.81
C VAL D 172 -3.53 31.89 -17.75
N ARG D 173 -3.48 32.84 -16.80
CA ARG D 173 -2.46 32.83 -15.76
C ARG D 173 -2.47 31.60 -14.88
N ILE D 174 -1.31 30.97 -14.75
CA ILE D 174 -1.17 29.79 -13.91
C ILE D 174 -0.49 30.24 -12.62
N VAL D 175 0.71 30.82 -12.77
CA VAL D 175 1.45 31.35 -11.63
C VAL D 175 0.87 32.73 -11.40
N ARG D 176 0.09 32.89 -10.34
CA ARG D 176 -0.57 34.17 -10.06
C ARG D 176 0.30 35.21 -9.38
N ASP D 177 -0.23 36.43 -9.25
CA ASP D 177 0.54 37.52 -8.67
C ASP D 177 0.74 37.46 -7.15
N ASP D 178 -0.11 36.70 -6.47
CA ASP D 178 0.03 36.58 -5.03
C ASP D 178 0.95 35.38 -4.74
N MET D 179 1.71 34.98 -5.76
CA MET D 179 2.63 33.85 -5.66
C MET D 179 4.06 34.24 -5.99
N LEU D 180 4.99 33.34 -5.66
CA LEU D 180 6.42 33.54 -5.87
C LEU D 180 6.97 32.19 -6.31
N CYS D 181 7.99 32.16 -7.16
CA CYS D 181 8.53 30.89 -7.61
C CYS D 181 10.04 30.80 -7.47
N ALA D 182 10.50 29.61 -7.10
CA ALA D 182 11.92 29.36 -6.90
C ALA D 182 12.23 27.88 -7.06
N GLY D 183 13.51 27.58 -7.30
CA GLY D 183 13.95 26.21 -7.46
C GLY D 183 14.17 25.80 -8.90
N ASN D 184 14.86 24.68 -9.08
CA ASN D 184 15.10 24.14 -10.42
C ASN D 184 15.01 22.62 -10.35
N THR D 185 15.63 21.94 -11.31
CA THR D 185 15.56 20.49 -11.35
C THR D 185 16.41 19.76 -10.32
N ARG D 186 17.24 20.48 -9.58
CA ARG D 186 18.09 19.85 -8.58
C ARG D 186 17.81 20.35 -7.17
N ARG D 187 17.20 21.53 -7.07
CA ARG D 187 16.89 22.13 -5.78
C ARG D 187 15.42 22.52 -5.73
N ASP D 188 14.71 22.06 -4.70
CA ASP D 188 13.29 22.36 -4.56
C ASP D 188 12.73 21.81 -3.25
N SER D 189 11.51 22.23 -2.92
CA SER D 189 10.81 21.77 -1.73
C SER D 189 10.00 20.58 -2.24
N CYS D 190 9.31 19.85 -1.36
CA CYS D 190 8.53 18.68 -1.79
C CYS D 190 7.40 18.42 -0.81
N GLN D 191 6.63 17.36 -1.07
CA GLN D 191 5.53 16.97 -0.19
C GLN D 191 6.09 16.89 1.22
N GLY D 192 5.39 17.51 2.16
CA GLY D 192 5.85 17.51 3.53
C GLY D 192 6.53 18.80 3.93
N ASP D 193 6.90 19.64 2.95
CA ASP D 193 7.53 20.93 3.27
C ASP D 193 6.49 22.04 3.18
N SER D 194 5.29 21.71 2.70
CA SER D 194 4.19 22.67 2.58
C SER D 194 4.01 23.47 3.86
N GLY D 195 3.69 24.74 3.72
CA GLY D 195 3.50 25.59 4.87
C GLY D 195 4.82 26.13 5.38
N GLY D 196 5.91 25.46 5.01
CA GLY D 196 7.23 25.87 5.44
C GLY D 196 7.64 27.21 4.87
N PRO D 197 8.76 27.77 5.36
CA PRO D 197 9.19 29.05 4.86
C PRO D 197 10.28 29.04 3.80
N LEU D 198 10.28 30.10 3.01
CA LEU D 198 11.27 30.37 1.98
C LEU D 198 11.78 31.73 2.48
N VAL D 199 13.07 31.80 2.82
CA VAL D 199 13.63 33.03 3.36
C VAL D 199 14.85 33.51 2.60
N CYS D 200 15.01 34.84 2.54
CA CYS D 200 16.13 35.44 1.85
C CYS D 200 16.79 36.44 2.77
N LYS D 201 18.12 36.44 2.78
CA LYS D 201 18.88 37.34 3.63
C LYS D 201 19.00 38.66 2.87
N VAL D 202 18.16 39.62 3.24
CA VAL D 202 18.15 40.93 2.60
C VAL D 202 18.77 42.00 3.48
N ASN D 203 19.91 42.51 3.04
CA ASN D 203 20.60 43.57 3.76
C ASN D 203 20.90 43.21 5.22
N GLY D 204 21.42 42.00 5.44
CA GLY D 204 21.77 41.59 6.79
C GLY D 204 20.77 40.76 7.59
N THR D 205 19.48 40.93 7.34
CA THR D 205 18.51 40.15 8.09
C THR D 205 17.69 39.22 7.22
N TRP D 206 17.17 38.16 7.84
CA TRP D 206 16.37 37.20 7.12
C TRP D 206 14.91 37.60 7.10
N LEU D 207 14.34 37.64 5.90
CA LEU D 207 12.95 37.99 5.71
C LEU D 207 12.25 36.81 5.05
N GLN D 208 11.05 36.45 5.50
CA GLN D 208 10.37 35.35 4.85
C GLN D 208 9.66 35.86 3.60
N ALA D 209 10.14 35.39 2.44
CA ALA D 209 9.57 35.79 1.16
C ALA D 209 8.30 35.01 0.82
N GLY D 210 8.28 33.72 1.15
CA GLY D 210 7.11 32.94 0.84
C GLY D 210 6.79 31.75 1.73
N VAL D 211 5.65 31.12 1.42
CA VAL D 211 5.15 29.95 2.14
C VAL D 211 5.06 28.79 1.12
N VAL D 212 5.80 27.69 1.34
CA VAL D 212 5.77 26.55 0.43
C VAL D 212 4.32 26.22 0.15
N SER D 213 3.92 26.35 -1.12
CA SER D 213 2.52 26.15 -1.46
C SER D 213 2.17 25.00 -2.41
N TRP D 214 2.66 25.03 -3.65
CA TRP D 214 2.35 23.97 -4.60
C TRP D 214 3.27 23.91 -5.80
N GLY D 215 3.01 22.95 -6.67
CA GLY D 215 3.82 22.77 -7.86
C GLY D 215 3.32 21.53 -8.57
N GLU D 216 4.13 21.01 -9.48
CA GLU D 216 3.75 19.82 -10.21
C GLU D 216 4.96 18.89 -10.12
N GLY D 217 5.04 18.17 -9.01
CA GLY D 217 6.18 17.29 -8.83
C GLY D 217 7.31 18.08 -8.20
N CYS D 218 8.28 17.37 -7.65
CA CYS D 218 9.42 17.99 -6.99
C CYS D 218 10.64 18.06 -7.93
N ALA D 219 11.22 19.24 -8.03
CA ALA D 219 12.39 19.47 -8.88
C ALA D 219 12.14 18.93 -10.30
N GLN D 220 10.99 19.29 -10.87
CA GLN D 220 10.64 18.85 -12.22
C GLN D 220 10.93 19.90 -13.29
N PRO D 221 11.28 19.46 -14.49
CA PRO D 221 11.59 20.36 -15.61
C PRO D 221 10.38 21.25 -15.94
N ASN D 222 10.61 22.55 -16.14
CA ASN D 222 9.52 23.49 -16.49
C ASN D 222 8.39 23.63 -15.47
N ARG D 223 8.61 23.14 -14.26
CA ARG D 223 7.57 23.25 -13.24
C ARG D 223 8.20 23.65 -11.91
N PRO D 224 8.82 24.84 -11.86
CA PRO D 224 9.45 25.29 -10.62
C PRO D 224 8.48 25.40 -9.43
N GLY D 225 9.03 25.28 -8.22
CA GLY D 225 8.21 25.37 -7.03
C GLY D 225 7.46 26.68 -6.90
N ILE D 226 6.23 26.61 -6.38
CA ILE D 226 5.41 27.80 -6.20
C ILE D 226 5.13 28.08 -4.71
N TYR D 227 5.40 29.31 -4.29
CA TYR D 227 5.21 29.75 -2.91
C TYR D 227 4.22 30.91 -2.82
N THR D 228 3.51 31.00 -1.69
CA THR D 228 2.60 32.11 -1.50
C THR D 228 3.51 33.33 -1.30
N ARG D 229 3.18 34.48 -1.89
CA ARG D 229 4.01 35.67 -1.74
C ARG D 229 3.60 36.38 -0.44
N VAL D 230 4.45 36.33 0.57
CA VAL D 230 4.13 36.94 1.85
C VAL D 230 3.77 38.43 1.79
N THR D 231 4.50 39.21 1.01
CA THR D 231 4.22 40.64 0.91
C THR D 231 2.77 40.93 0.53
N TYR D 232 2.21 40.10 -0.32
CA TYR D 232 0.84 40.28 -0.79
C TYR D 232 -0.18 40.23 0.35
N TYR D 233 0.10 39.43 1.36
CA TYR D 233 -0.83 39.28 2.47
C TYR D 233 -0.44 39.93 3.82
N LEU D 234 0.56 40.79 3.77
CA LEU D 234 1.04 41.50 4.96
C LEU D 234 -0.10 42.16 5.72
N ASP D 235 -0.97 42.87 5.01
CA ASP D 235 -2.09 43.55 5.68
C ASP D 235 -2.97 42.57 6.44
N TRP D 236 -3.29 41.46 5.80
CA TRP D 236 -4.13 40.45 6.42
C TRP D 236 -3.50 39.91 7.69
N ILE D 237 -2.20 39.63 7.63
CA ILE D 237 -1.48 39.08 8.77
C ILE D 237 -1.54 40.02 9.98
N HIS D 238 -1.40 41.32 9.73
CA HIS D 238 -1.42 42.31 10.78
C HIS D 238 -2.80 42.53 11.35
N HIS D 239 -3.80 41.97 10.69
CA HIS D 239 -5.17 42.09 11.19
C HIS D 239 -5.27 41.14 12.38
N TYR D 240 -4.27 40.27 12.52
CA TYR D 240 -4.24 39.29 13.61
C TYR D 240 -2.98 39.27 14.46
N VAL D 241 -1.83 39.53 13.84
CA VAL D 241 -0.58 39.50 14.57
C VAL D 241 -0.01 40.86 14.91
N PRO D 242 0.29 41.10 16.20
CA PRO D 242 0.84 42.36 16.71
C PRO D 242 2.24 42.66 16.16
N LYS D 243 2.80 43.77 16.64
CA LYS D 243 4.13 44.26 16.24
C LYS D 243 5.06 44.45 17.45
C1 C1R E . -17.24 12.74 -5.41
C2 C1R E . -16.19 12.29 -6.48
C3 C1R E . -15.94 13.40 -7.56
C4 C1R E . -17.30 13.91 -8.16
C5 C1R E . -18.33 14.31 -7.07
N6 C1R E . -18.52 13.22 -6.05
C7 C1R E . -15.06 12.88 -8.73
C8 C1R E . -13.57 12.62 -8.39
C9 C1R E . -12.65 12.52 -9.62
O12 C1R E . -13.56 10.59 -10.65
C10 C1R E . -13.24 11.77 -10.82
C1 C1R F . 6.13 -20.50 -7.26
C2 C1R F . 4.77 -20.28 -6.53
C3 C1R F . 4.52 -21.37 -5.41
C4 C1R F . 4.64 -22.79 -6.03
C5 C1R F . 5.98 -22.99 -6.81
N6 C1R F . 6.25 -21.89 -7.81
C7 C1R F . 3.14 -21.24 -4.73
C8 C1R F . 2.86 -19.90 -3.98
C9 C1R F . 1.65 -19.94 -3.03
O12 C1R F . -0.20 -19.65 -4.48
C10 C1R F . 0.34 -20.41 -3.66
C1 C1R G . 4.38 -12.95 17.26
C2 C1R G . 5.54 -12.50 16.31
C3 C1R G . 6.67 -13.60 16.19
C4 C1R G . 7.15 -14.02 17.62
C5 C1R G . 5.98 -14.47 18.52
N6 C1R G . 4.90 -13.43 18.60
C7 C1R G . 7.89 -13.10 15.36
C8 C1R G . 7.73 -13.16 13.82
C9 C1R G . 8.94 -12.69 12.96
O12 C1R G . 9.70 -10.69 14.01
C10 C1R G . 10.02 -11.84 13.68
C1 C1R H . 7.28 20.66 -4.98
C2 C1R H . 6.37 20.42 -3.74
C3 C1R H . 5.25 21.52 -3.59
C4 C1R H . 5.90 22.94 -3.61
C5 C1R H . 6.84 23.14 -4.83
N6 C1R H . 7.86 22.05 -4.98
C7 C1R H . 4.41 21.37 -2.27
C8 C1R H . 3.57 20.08 -2.14
C9 C1R H . 2.56 20.07 -0.96
O12 C1R H . 3.94 19.71 0.95
C10 C1R H . 3.14 20.49 0.41
#